data_8QDB
#
_entry.id   8QDB
#
_cell.length_a   85.500
_cell.length_b   88.320
_cell.length_c   122.010
_cell.angle_alpha   90.00
_cell.angle_beta   90.00
_cell.angle_gamma   90.00
#
_symmetry.space_group_name_H-M   'P 21 21 21'
#
loop_
_entity.id
_entity.type
_entity.pdbx_description
1 polymer 'Yellowish-green 1-like protein'
2 non-polymer 1,2-ETHANEDIOL
3 water water
#
_entity_poly.entity_id   1
_entity_poly.type   'polypeptide(L)'
_entity_poly.pdbx_seq_one_letter_code
;MGWSHPQFEKENLYFQGSATEKYYIRDAITKPAVHHESYQKLWETKWKKPCEMGVYPFMFGSIKDFEPVAQEIIKKGLKE
PYDWDEYAQMYFPKAEELAKIAEEAEAAGEKEKASEYYLRSSAVYRISRFPTPRSEKQKYAWRKGCEVFYKGAALMEYPI
KEVRIPHKHGIEGEGDVVPVNFLLPPNASETSPVPCVLIITGLDGYRTELAVWQQGWRSKGVATVIAEIPGTGDSPALRQ
DPTSPDRQWSSVLDWIESQKAVDSKKIVAWGF(DHA)TGGYYALRMAHTHKDRLLATISLGGGAHHMFDREWLEHANKLE
YPFDLSNTLAYKFGYPDLESFIEESSKFSLLNDGTLQKPCTKVLLVNGNDDEIFPIDDMFVSLENGQPKLARMVKGKKHM
GEPESFSIILEWIHKLLGLDGKIKEQLAMIPSRTK
;
_entity_poly.pdbx_strand_id   A,B
#
# COMPACT_ATOMS: atom_id res chain seq x y z
N ALA A 19 12.73 0.08 23.49
CA ALA A 19 13.15 0.93 22.33
C ALA A 19 13.66 0.04 21.18
N THR A 20 14.54 -0.91 21.48
CA THR A 20 15.18 -1.83 20.50
C THR A 20 14.16 -2.86 19.96
N GLU A 21 12.97 -2.96 20.57
CA GLU A 21 11.90 -3.91 20.17
C GLU A 21 10.74 -3.16 19.48
N LYS A 22 10.72 -1.83 19.55
CA LYS A 22 9.54 -1.00 19.21
C LYS A 22 9.34 -0.91 17.70
N TYR A 23 10.42 -0.70 16.92
CA TYR A 23 10.36 -0.31 15.49
C TYR A 23 10.80 -1.49 14.61
N TYR A 24 10.48 -1.40 13.31
CA TYR A 24 10.75 -2.43 12.27
C TYR A 24 12.25 -2.77 12.23
N ILE A 25 13.13 -1.78 12.38
CA ILE A 25 14.61 -1.94 12.26
C ILE A 25 15.21 -2.47 13.57
N ARG A 26 14.40 -2.65 14.62
CA ARG A 26 14.79 -3.34 15.89
C ARG A 26 16.03 -2.65 16.49
N ASP A 27 17.12 -3.39 16.75
CA ASP A 27 18.29 -2.91 17.53
C ASP A 27 19.26 -2.10 16.64
N ALA A 28 18.98 -1.95 15.34
CA ALA A 28 19.73 -1.06 14.43
C ALA A 28 19.74 0.37 14.99
N ILE A 29 18.73 0.70 15.81
CA ILE A 29 18.49 2.06 16.39
C ILE A 29 19.56 2.39 17.44
N THR A 30 20.29 1.40 17.98
CA THR A 30 21.29 1.58 19.06
C THR A 30 22.73 1.52 18.52
N LYS A 31 22.91 1.41 17.20
CA LYS A 31 24.26 1.30 16.57
C LYS A 31 24.66 2.68 16.03
N PRO A 32 25.61 3.39 16.68
CA PRO A 32 26.04 4.71 16.21
C PRO A 32 26.73 4.61 14.83
N ALA A 33 26.42 5.52 13.92
CA ALA A 33 27.03 5.60 12.57
C ALA A 33 28.40 6.28 12.68
N VAL A 34 29.39 5.76 11.94
CA VAL A 34 30.82 6.15 12.05
C VAL A 34 31.00 7.63 11.66
N HIS A 35 30.14 8.18 10.79
CA HIS A 35 30.32 9.55 10.22
C HIS A 35 30.15 10.62 11.31
N HIS A 36 29.54 10.29 12.45
CA HIS A 36 29.36 11.24 13.60
C HIS A 36 30.67 11.44 14.37
N GLU A 37 31.67 10.57 14.15
CA GLU A 37 32.98 10.64 14.87
C GLU A 37 33.71 11.92 14.49
N SER A 38 33.71 12.30 13.21
CA SER A 38 34.47 13.46 12.67
C SER A 38 33.94 13.85 11.29
N TYR A 39 34.29 15.04 10.80
CA TYR A 39 34.05 15.44 9.39
C TYR A 39 34.79 14.49 8.46
N GLN A 40 36.00 14.06 8.83
CA GLN A 40 36.83 13.14 8.01
C GLN A 40 36.02 11.88 7.72
N LYS A 41 35.34 11.33 8.73
CA LYS A 41 34.48 10.11 8.59
C LYS A 41 33.24 10.43 7.76
N LEU A 42 32.60 11.59 7.99
CA LEU A 42 31.45 12.05 7.16
C LEU A 42 31.89 12.06 5.69
N TRP A 43 33.00 12.73 5.38
CA TRP A 43 33.54 12.87 4.00
C TRP A 43 33.87 11.49 3.42
N GLU A 44 34.73 10.72 4.10
CA GLU A 44 35.31 9.46 3.55
C GLU A 44 34.21 8.40 3.38
N THR A 45 33.28 8.27 4.35
CA THR A 45 32.32 7.14 4.39
C THR A 45 30.94 7.51 3.81
N LYS A 46 30.62 8.79 3.61
CA LYS A 46 29.24 9.20 3.24
C LYS A 46 29.21 10.22 2.09
N TRP A 47 30.02 11.27 2.12
CA TRP A 47 29.81 12.49 1.29
C TRP A 47 30.71 12.53 0.05
N LYS A 48 31.92 11.97 0.11
CA LYS A 48 32.89 12.04 -1.02
C LYS A 48 32.25 11.41 -2.26
N LYS A 49 31.62 10.24 -2.12
CA LYS A 49 31.02 9.46 -3.23
C LYS A 49 29.92 10.25 -3.94
N PRO A 50 28.83 10.70 -3.23
CA PRO A 50 27.80 11.52 -3.86
C PRO A 50 28.35 12.82 -4.46
N CYS A 51 29.39 13.41 -3.86
CA CYS A 51 30.05 14.63 -4.37
C CYS A 51 30.68 14.35 -5.75
N GLU A 52 31.50 13.30 -5.84
CA GLU A 52 32.14 12.85 -7.11
C GLU A 52 31.07 12.62 -8.18
N MET A 53 29.91 12.06 -7.80
CA MET A 53 28.82 11.66 -8.72
C MET A 53 27.91 12.85 -9.02
N GLY A 54 28.06 13.95 -8.28
CA GLY A 54 27.32 15.22 -8.48
C GLY A 54 25.83 15.05 -8.16
N VAL A 55 25.52 14.26 -7.13
CA VAL A 55 24.12 14.02 -6.68
C VAL A 55 23.96 14.51 -5.24
N TYR A 56 22.71 14.61 -4.78
CA TYR A 56 22.33 15.14 -3.44
C TYR A 56 23.30 14.62 -2.37
N PRO A 57 23.80 15.47 -1.47
CA PRO A 57 23.46 16.91 -1.44
C PRO A 57 24.36 17.83 -2.31
N PHE A 58 25.00 17.29 -3.33
CA PHE A 58 26.01 18.00 -4.16
C PHE A 58 25.50 18.23 -5.59
N MET A 59 24.19 18.35 -5.80
CA MET A 59 23.63 18.72 -7.13
C MET A 59 24.23 20.08 -7.56
N PHE A 60 24.55 20.22 -8.85
CA PHE A 60 25.16 21.42 -9.50
C PHE A 60 26.61 21.62 -9.05
N GLY A 61 27.15 20.73 -8.22
CA GLY A 61 28.47 20.89 -7.58
C GLY A 61 29.55 20.13 -8.33
N SER A 62 30.82 20.30 -7.93
CA SER A 62 31.99 19.60 -8.50
C SER A 62 32.91 19.16 -7.35
N ILE A 63 33.42 17.92 -7.44
CA ILE A 63 34.46 17.38 -6.52
C ILE A 63 35.69 18.31 -6.54
N LYS A 64 35.94 18.97 -7.67
CA LYS A 64 37.07 19.92 -7.86
C LYS A 64 36.92 21.09 -6.87
N ASP A 65 35.69 21.44 -6.51
CA ASP A 65 35.37 22.57 -5.60
C ASP A 65 35.40 22.10 -4.14
N PHE A 66 34.78 20.95 -3.84
CA PHE A 66 34.54 20.49 -2.44
C PHE A 66 35.78 19.79 -1.86
N GLU A 67 36.56 19.06 -2.67
CA GLU A 67 37.70 18.24 -2.17
C GLU A 67 38.71 19.15 -1.46
N PRO A 68 39.15 20.28 -2.07
CA PRO A 68 40.06 21.21 -1.39
C PRO A 68 39.52 21.66 -0.02
N VAL A 69 38.23 21.98 0.06
CA VAL A 69 37.55 22.49 1.28
C VAL A 69 37.54 21.36 2.33
N ALA A 70 37.14 20.15 1.92
CA ALA A 70 37.10 18.94 2.77
C ALA A 70 38.48 18.72 3.40
N GLN A 71 39.54 18.72 2.60
CA GLN A 71 40.95 18.53 3.03
C GLN A 71 41.29 19.55 4.13
N GLU A 72 40.90 20.82 3.93
CA GLU A 72 41.18 21.92 4.89
C GLU A 72 40.39 21.71 6.20
N ILE A 73 39.14 21.27 6.10
CA ILE A 73 38.26 20.99 7.28
C ILE A 73 38.85 19.80 8.06
N ILE A 74 39.30 18.76 7.35
CA ILE A 74 39.89 17.52 7.94
C ILE A 74 41.18 17.88 8.69
N LYS A 75 42.01 18.76 8.12
CA LYS A 75 43.29 19.22 8.75
C LYS A 75 42.98 19.93 10.08
N LYS A 76 41.87 20.68 10.15
CA LYS A 76 41.40 21.38 11.38
C LYS A 76 40.82 20.39 12.38
N GLY A 77 40.43 19.20 11.92
CA GLY A 77 39.88 18.12 12.77
C GLY A 77 38.49 18.44 13.28
N LEU A 78 37.70 19.23 12.55
CA LEU A 78 36.32 19.61 12.94
C LEU A 78 35.47 18.35 13.11
N LYS A 79 34.53 18.39 14.07
CA LYS A 79 33.69 17.24 14.48
C LYS A 79 32.56 17.74 15.39
N GLU A 80 31.53 16.92 15.61
CA GLU A 80 30.42 17.18 16.56
C GLU A 80 31.02 17.30 17.96
N PRO A 81 30.59 18.29 18.79
CA PRO A 81 29.65 19.34 18.39
C PRO A 81 30.32 20.42 17.53
N TYR A 82 29.74 20.72 16.37
CA TYR A 82 30.28 21.71 15.39
C TYR A 82 30.00 23.14 15.89
N ASP A 83 30.97 24.03 15.69
CA ASP A 83 30.79 25.50 15.75
C ASP A 83 30.40 25.96 14.34
N TRP A 84 29.13 26.29 14.13
CA TRP A 84 28.54 26.44 12.77
C TRP A 84 29.11 27.66 12.05
N ASP A 85 29.55 28.69 12.79
CA ASP A 85 30.25 29.88 12.22
C ASP A 85 31.64 29.45 11.76
N GLU A 86 32.39 28.75 12.61
CA GLU A 86 33.73 28.20 12.30
C GLU A 86 33.61 27.27 11.09
N TYR A 87 32.60 26.39 11.09
CA TYR A 87 32.33 25.38 10.04
C TYR A 87 32.02 26.09 8.71
N ALA A 88 31.02 26.97 8.71
CA ALA A 88 30.49 27.62 7.48
C ALA A 88 31.59 28.40 6.77
N GLN A 89 32.42 29.13 7.54
CA GLN A 89 33.52 29.99 7.04
C GLN A 89 34.49 29.17 6.18
N MET A 90 34.66 27.87 6.45
CA MET A 90 35.62 27.01 5.72
C MET A 90 35.26 26.94 4.22
N TYR A 91 33.98 27.17 3.87
CA TYR A 91 33.42 27.02 2.50
C TYR A 91 33.45 28.35 1.72
N PHE A 92 33.58 29.49 2.40
CA PHE A 92 33.33 30.83 1.79
C PHE A 92 34.39 31.20 0.76
N PRO A 93 35.71 31.04 1.02
CA PRO A 93 36.72 31.33 -0.01
C PRO A 93 36.43 30.66 -1.36
N LYS A 94 36.06 29.37 -1.35
CA LYS A 94 35.76 28.58 -2.58
C LYS A 94 34.46 29.09 -3.22
N ALA A 95 33.41 29.30 -2.41
CA ALA A 95 32.12 29.84 -2.87
C ALA A 95 32.34 31.16 -3.62
N GLU A 96 33.14 32.07 -3.03
CA GLU A 96 33.43 33.42 -3.58
C GLU A 96 34.27 33.31 -4.87
N GLU A 97 35.26 32.42 -4.88
CA GLU A 97 36.11 32.13 -6.06
C GLU A 97 35.22 31.74 -7.26
N LEU A 98 34.27 30.84 -7.05
CA LEU A 98 33.40 30.31 -8.14
C LEU A 98 32.47 31.42 -8.66
N ALA A 99 31.95 32.26 -7.76
CA ALA A 99 31.05 33.39 -8.09
C ALA A 99 31.78 34.42 -8.97
N LYS A 100 33.06 34.66 -8.71
CA LYS A 100 33.88 35.64 -9.48
C LYS A 100 34.14 35.09 -10.89
N ILE A 101 34.43 33.79 -11.01
CA ILE A 101 34.60 33.09 -12.33
C ILE A 101 33.29 33.19 -13.13
N ALA A 102 32.13 33.03 -12.47
CA ALA A 102 30.79 33.14 -13.09
C ALA A 102 30.59 34.54 -13.65
N GLU A 103 30.83 35.57 -12.82
CA GLU A 103 30.68 37.01 -13.18
C GLU A 103 31.50 37.34 -14.43
N GLU A 104 32.74 36.83 -14.50
CA GLU A 104 33.68 37.10 -15.63
C GLU A 104 33.15 36.43 -16.90
N ALA A 105 32.64 35.20 -16.79
CA ALA A 105 32.06 34.42 -17.91
C ALA A 105 30.86 35.18 -18.48
N GLU A 106 29.99 35.69 -17.62
CA GLU A 106 28.74 36.42 -18.01
C GLU A 106 29.13 37.69 -18.78
N ALA A 107 30.06 38.48 -18.26
CA ALA A 107 30.59 39.72 -18.87
C ALA A 107 31.16 39.41 -20.27
N ALA A 108 31.82 38.26 -20.42
CA ALA A 108 32.45 37.79 -21.69
C ALA A 108 31.39 37.18 -22.63
N GLY A 109 30.15 37.04 -22.16
CA GLY A 109 29.02 36.53 -22.96
C GLY A 109 28.92 35.01 -22.92
N GLU A 110 29.81 34.34 -22.17
CA GLU A 110 29.83 32.87 -22.00
C GLU A 110 28.71 32.48 -21.00
N LYS A 111 27.47 32.41 -21.48
CA LYS A 111 26.27 32.23 -20.62
C LYS A 111 26.28 30.82 -20.01
N GLU A 112 26.60 29.80 -20.81
CA GLU A 112 26.64 28.37 -20.38
C GLU A 112 27.65 28.24 -19.24
N LYS A 113 28.83 28.87 -19.37
CA LYS A 113 29.92 28.84 -18.36
C LYS A 113 29.50 29.62 -17.11
N ALA A 114 28.98 30.83 -17.28
CA ALA A 114 28.46 31.70 -16.19
C ALA A 114 27.44 30.91 -15.34
N SER A 115 26.47 30.29 -16.00
CA SER A 115 25.39 29.48 -15.37
C SER A 115 26.01 28.39 -14.48
N GLU A 116 26.93 27.59 -15.06
CA GLU A 116 27.62 26.47 -14.38
C GLU A 116 28.28 26.97 -13.09
N TYR A 117 29.05 28.06 -13.15
CA TYR A 117 29.91 28.51 -12.00
C TYR A 117 29.05 29.18 -10.92
N TYR A 118 27.96 29.87 -11.28
CA TYR A 118 26.98 30.43 -10.31
C TYR A 118 26.36 29.29 -9.50
N LEU A 119 25.99 28.20 -10.18
CA LEU A 119 25.33 27.02 -9.56
C LEU A 119 26.36 26.25 -8.72
N ARG A 120 27.62 26.16 -9.18
CA ARG A 120 28.73 25.54 -8.40
C ARG A 120 28.96 26.35 -7.12
N SER A 121 28.93 27.68 -7.21
CA SER A 121 29.01 28.59 -6.03
C SER A 121 27.83 28.32 -5.08
N SER A 122 26.62 28.20 -5.62
CA SER A 122 25.37 27.97 -4.83
C SER A 122 25.50 26.65 -4.07
N ALA A 123 26.17 25.65 -4.65
CA ALA A 123 26.36 24.32 -4.03
C ALA A 123 27.26 24.45 -2.81
N VAL A 124 28.33 25.25 -2.91
CA VAL A 124 29.34 25.40 -1.82
C VAL A 124 28.69 26.17 -0.65
N TYR A 125 27.98 27.26 -0.93
CA TYR A 125 27.19 28.01 0.08
C TYR A 125 26.18 27.06 0.76
N ARG A 126 25.46 26.25 -0.04
CA ARG A 126 24.44 25.29 0.45
C ARG A 126 25.04 24.40 1.55
N ILE A 127 26.15 23.72 1.27
CA ILE A 127 26.72 22.71 2.22
C ILE A 127 27.20 23.43 3.48
N SER A 128 27.67 24.68 3.35
CA SER A 128 28.14 25.51 4.49
C SER A 128 27.00 25.72 5.50
N ARG A 129 25.73 25.69 5.07
CA ARG A 129 24.56 25.93 5.97
C ARG A 129 23.72 24.65 6.12
N PHE A 130 24.26 23.48 5.75
CA PHE A 130 23.74 22.16 6.18
C PHE A 130 24.12 21.95 7.64
N PRO A 131 23.28 21.30 8.48
CA PRO A 131 21.98 20.75 8.08
C PRO A 131 20.85 21.78 7.92
N THR A 132 20.87 22.84 8.73
CA THR A 132 19.93 23.99 8.64
C THR A 132 20.64 25.21 9.20
N PRO A 133 20.37 26.43 8.71
CA PRO A 133 21.04 27.63 9.23
C PRO A 133 20.71 27.83 10.72
N ARG A 134 21.71 27.62 11.59
CA ARG A 134 21.58 27.76 13.07
C ARG A 134 22.66 28.71 13.61
N SER A 135 23.29 29.50 12.74
CA SER A 135 24.29 30.53 13.10
C SER A 135 24.21 31.66 12.08
N GLU A 136 24.80 32.82 12.39
CA GLU A 136 24.68 34.04 11.55
C GLU A 136 25.39 33.82 10.21
N LYS A 137 26.52 33.09 10.20
CA LYS A 137 27.29 32.82 8.95
C LYS A 137 26.51 31.83 8.08
N GLN A 138 25.78 30.88 8.69
CA GLN A 138 24.93 29.92 7.94
C GLN A 138 23.71 30.66 7.37
N LYS A 139 23.11 31.59 8.14
CA LYS A 139 21.96 32.42 7.66
C LYS A 139 22.44 33.31 6.51
N TYR A 140 23.66 33.84 6.60
CA TYR A 140 24.35 34.60 5.52
C TYR A 140 24.51 33.70 4.29
N ALA A 141 24.99 32.46 4.49
CA ALA A 141 25.26 31.48 3.41
C ALA A 141 23.96 31.15 2.65
N TRP A 142 22.82 31.07 3.36
CA TRP A 142 21.49 30.84 2.75
C TRP A 142 21.15 31.99 1.78
N ARG A 143 21.30 33.24 2.24
CA ARG A 143 21.00 34.44 1.41
C ARG A 143 21.97 34.48 0.21
N LYS A 144 23.27 34.28 0.44
CA LYS A 144 24.30 34.32 -0.63
C LYS A 144 24.05 33.19 -1.63
N GLY A 145 23.77 31.97 -1.15
CA GLY A 145 23.50 30.79 -1.99
C GLY A 145 22.31 31.00 -2.90
N CYS A 146 21.23 31.57 -2.37
CA CYS A 146 20.00 31.90 -3.15
C CYS A 146 20.33 32.93 -4.23
N GLU A 147 21.13 33.94 -3.88
CA GLU A 147 21.54 35.02 -4.81
C GLU A 147 22.23 34.40 -6.03
N VAL A 148 23.28 33.59 -5.82
CA VAL A 148 24.09 33.00 -6.92
C VAL A 148 23.28 31.89 -7.61
N PHE A 149 22.44 31.14 -6.88
CA PHE A 149 21.56 30.11 -7.51
C PHE A 149 20.72 30.76 -8.61
N TYR A 150 20.06 31.88 -8.28
CA TYR A 150 19.09 32.55 -9.19
C TYR A 150 19.82 33.25 -10.33
N LYS A 151 21.06 33.70 -10.11
CA LYS A 151 21.91 34.24 -11.22
C LYS A 151 22.20 33.11 -12.22
N GLY A 152 22.57 31.92 -11.71
CA GLY A 152 22.84 30.74 -12.54
C GLY A 152 21.60 30.24 -13.24
N ALA A 153 20.47 30.21 -12.52
CA ALA A 153 19.15 29.76 -13.00
C ALA A 153 18.66 30.67 -14.14
N ALA A 154 18.91 31.98 -14.04
CA ALA A 154 18.48 32.99 -15.05
C ALA A 154 19.21 32.75 -16.38
N LEU A 155 20.39 32.12 -16.34
CA LEU A 155 21.28 31.90 -17.52
C LEU A 155 21.15 30.47 -18.04
N MET A 156 20.24 29.67 -17.49
CA MET A 156 19.86 28.35 -18.06
C MET A 156 19.14 28.58 -19.40
N GLU A 157 19.32 27.67 -20.36
CA GLU A 157 18.65 27.70 -21.69
C GLU A 157 17.16 28.00 -21.46
N TYR A 158 16.53 27.25 -20.56
CA TYR A 158 15.13 27.45 -20.08
C TYR A 158 15.19 27.99 -18.65
N PRO A 159 15.22 29.33 -18.45
CA PRO A 159 15.47 29.89 -17.12
C PRO A 159 14.42 29.51 -16.06
N ILE A 160 14.89 29.14 -14.87
CA ILE A 160 14.06 28.95 -13.65
C ILE A 160 13.99 30.29 -12.92
N LYS A 161 12.77 30.73 -12.58
CA LYS A 161 12.46 32.05 -11.97
C LYS A 161 12.13 31.87 -10.48
N GLU A 162 12.46 32.86 -9.65
CA GLU A 162 11.86 33.00 -8.30
C GLU A 162 10.50 33.68 -8.48
N VAL A 163 9.47 33.16 -7.82
CA VAL A 163 8.15 33.84 -7.67
C VAL A 163 7.87 34.01 -6.17
N ARG A 164 7.64 35.24 -5.73
CA ARG A 164 7.27 35.55 -4.33
C ARG A 164 5.75 35.52 -4.24
N ILE A 165 5.18 34.33 -4.05
CA ILE A 165 3.70 34.12 -4.06
C ILE A 165 3.11 34.85 -2.86
N PRO A 166 2.13 35.75 -3.07
CA PRO A 166 1.47 36.42 -1.95
C PRO A 166 0.85 35.38 -1.00
N HIS A 167 1.22 35.45 0.28
CA HIS A 167 0.70 34.52 1.32
C HIS A 167 -0.65 35.06 1.81
N LYS A 168 -1.66 35.04 0.95
CA LYS A 168 -3.00 35.63 1.19
C LYS A 168 -3.70 34.88 2.34
N HIS A 169 -3.36 33.61 2.57
CA HIS A 169 -3.95 32.75 3.63
C HIS A 169 -3.13 32.84 4.93
N GLY A 170 -2.06 33.65 4.95
CA GLY A 170 -1.23 33.86 6.14
C GLY A 170 -2.03 34.52 7.26
N ILE A 171 -1.69 34.20 8.52
CA ILE A 171 -2.29 34.84 9.73
C ILE A 171 -1.19 35.64 10.44
N GLU A 172 -1.52 36.24 11.58
CA GLU A 172 -0.60 37.11 12.36
C GLU A 172 0.67 36.30 12.69
N GLY A 173 1.84 36.93 12.53
CA GLY A 173 3.16 36.36 12.83
C GLY A 173 3.77 35.63 11.63
N GLU A 174 3.05 35.50 10.52
CA GLU A 174 3.53 34.79 9.31
C GLU A 174 4.05 35.78 8.27
N GLY A 175 5.00 35.33 7.46
CA GLY A 175 5.58 36.11 6.34
C GLY A 175 4.53 36.42 5.29
N ASP A 176 4.77 37.43 4.46
CA ASP A 176 3.75 37.93 3.51
C ASP A 176 3.88 37.19 2.16
N VAL A 177 4.93 36.40 1.95
CA VAL A 177 5.17 35.71 0.65
C VAL A 177 5.64 34.26 0.87
N VAL A 178 5.31 33.39 -0.09
CA VAL A 178 5.88 32.01 -0.23
C VAL A 178 6.83 32.05 -1.43
N PRO A 179 8.15 32.25 -1.23
CA PRO A 179 9.11 32.22 -2.33
C PRO A 179 9.24 30.81 -2.90
N VAL A 180 9.03 30.67 -4.22
CA VAL A 180 9.12 29.35 -4.93
C VAL A 180 10.01 29.49 -6.17
N ASN A 181 10.57 28.37 -6.62
CA ASN A 181 11.06 28.23 -8.02
C ASN A 181 9.86 27.95 -8.92
N PHE A 182 9.91 28.46 -10.15
CA PHE A 182 8.87 28.23 -11.18
C PHE A 182 9.57 28.01 -12.52
N LEU A 183 9.18 26.95 -13.23
CA LEU A 183 9.60 26.68 -14.62
C LEU A 183 8.37 26.19 -15.40
N LEU A 184 8.06 26.90 -16.48
CA LEU A 184 6.93 26.61 -17.40
C LEU A 184 7.52 26.15 -18.72
N PRO A 185 7.11 24.97 -19.25
CA PRO A 185 7.65 24.49 -20.52
C PRO A 185 7.27 25.43 -21.64
N PRO A 186 8.10 25.52 -22.72
CA PRO A 186 7.77 26.38 -23.86
C PRO A 186 6.47 25.90 -24.52
N ASN A 187 5.68 26.84 -25.03
CA ASN A 187 4.43 26.57 -25.80
C ASN A 187 3.29 26.17 -24.86
N ALA A 188 3.53 26.08 -23.54
CA ALA A 188 2.45 25.99 -22.54
C ALA A 188 1.62 27.28 -22.64
N SER A 189 0.30 27.15 -22.59
CA SER A 189 -0.66 28.28 -22.74
C SER A 189 -2.00 27.89 -22.12
N GLU A 190 -2.89 28.86 -21.94
CA GLU A 190 -4.29 28.62 -21.51
C GLU A 190 -4.97 27.70 -22.51
N THR A 191 -4.64 27.83 -23.80
CA THR A 191 -5.18 26.99 -24.90
C THR A 191 -4.66 25.55 -24.73
N SER A 192 -3.37 25.38 -24.45
CA SER A 192 -2.69 24.06 -24.31
C SER A 192 -1.98 24.01 -22.96
N PRO A 193 -2.76 23.87 -21.85
CA PRO A 193 -2.18 23.91 -20.51
C PRO A 193 -1.48 22.61 -20.17
N VAL A 194 -0.53 22.67 -19.22
CA VAL A 194 0.39 21.56 -18.89
C VAL A 194 0.15 21.13 -17.44
N PRO A 195 0.46 19.86 -17.09
CA PRO A 195 0.47 19.44 -15.70
C PRO A 195 1.55 20.22 -14.94
N CYS A 196 1.44 20.23 -13.61
CA CYS A 196 2.45 20.85 -12.70
C CYS A 196 2.82 19.86 -11.61
N VAL A 197 4.12 19.61 -11.43
CA VAL A 197 4.64 18.88 -10.25
C VAL A 197 5.06 19.94 -9.23
N LEU A 198 4.36 19.97 -8.10
CA LEU A 198 4.69 20.80 -6.92
C LEU A 198 5.68 20.00 -6.07
N ILE A 199 6.95 20.39 -6.09
CA ILE A 199 8.02 19.70 -5.31
C ILE A 199 8.08 20.36 -3.93
N ILE A 200 7.88 19.56 -2.88
CA ILE A 200 8.02 20.01 -1.47
C ILE A 200 9.35 19.49 -0.95
N THR A 201 10.23 20.40 -0.53
CA THR A 201 11.64 20.12 -0.18
C THR A 201 11.69 19.64 1.27
N GLY A 202 12.89 19.45 1.80
CA GLY A 202 13.11 18.69 3.05
C GLY A 202 13.69 19.55 4.16
N LEU A 203 14.31 18.88 5.13
CA LEU A 203 14.88 19.52 6.34
C LEU A 203 16.13 20.32 5.99
N ASP A 204 16.92 19.87 5.00
CA ASP A 204 18.25 20.46 4.66
C ASP A 204 18.29 20.96 3.21
N GLY A 205 17.76 20.17 2.26
CA GLY A 205 17.67 20.55 0.84
C GLY A 205 16.44 21.40 0.59
N TYR A 206 16.64 22.62 0.07
CA TYR A 206 15.57 23.64 -0.13
C TYR A 206 15.36 23.82 -1.63
N ARG A 207 14.67 24.89 -2.06
CA ARG A 207 14.26 25.05 -3.47
C ARG A 207 15.49 25.15 -4.38
N THR A 208 16.63 25.62 -3.85
CA THR A 208 17.91 25.74 -4.60
C THR A 208 18.54 24.36 -4.85
N GLU A 209 18.09 23.32 -4.13
CA GLU A 209 18.63 21.94 -4.27
C GLU A 209 17.72 21.13 -5.19
N LEU A 210 16.43 21.04 -4.87
CA LEU A 210 15.45 20.20 -5.61
C LEU A 210 15.20 20.82 -7.00
N ALA A 211 15.66 22.06 -7.24
CA ALA A 211 15.71 22.70 -8.58
C ALA A 211 16.26 21.73 -9.64
N VAL A 212 17.14 20.80 -9.24
CA VAL A 212 17.81 19.84 -10.17
C VAL A 212 16.78 19.00 -10.94
N TRP A 213 15.54 18.87 -10.44
CA TRP A 213 14.46 18.07 -11.10
C TRP A 213 13.74 18.87 -12.19
N GLN A 214 13.86 20.20 -12.22
CA GLN A 214 12.91 21.06 -12.98
C GLN A 214 13.11 20.92 -14.49
N GLN A 215 14.35 20.88 -14.99
CA GLN A 215 14.61 20.79 -16.45
C GLN A 215 14.07 19.45 -16.99
N GLY A 216 14.25 18.37 -16.26
CA GLY A 216 13.69 17.04 -16.62
C GLY A 216 12.20 17.12 -16.84
N TRP A 217 11.45 17.69 -15.89
CA TRP A 217 9.98 17.85 -15.99
C TRP A 217 9.64 18.74 -17.19
N ARG A 218 10.36 19.86 -17.36
CA ARG A 218 10.15 20.80 -18.49
C ARG A 218 10.28 20.02 -19.81
N SER A 219 11.28 19.14 -19.93
CA SER A 219 11.57 18.35 -21.16
C SER A 219 10.42 17.38 -21.46
N LYS A 220 9.59 17.06 -20.47
CA LYS A 220 8.45 16.10 -20.60
C LYS A 220 7.12 16.87 -20.69
N GLY A 221 7.16 18.20 -20.81
CA GLY A 221 5.97 19.06 -20.94
C GLY A 221 5.26 19.27 -19.61
N VAL A 222 6.01 19.33 -18.52
CA VAL A 222 5.46 19.47 -17.14
C VAL A 222 6.07 20.71 -16.48
N ALA A 223 5.22 21.60 -15.97
CA ALA A 223 5.62 22.77 -15.17
C ALA A 223 6.10 22.29 -13.80
N THR A 224 6.95 23.06 -13.12
CA THR A 224 7.36 22.77 -11.73
C THR A 224 7.26 24.04 -10.89
N VAL A 225 6.78 23.84 -9.66
CA VAL A 225 6.85 24.82 -8.55
C VAL A 225 7.56 24.11 -7.40
N ILE A 226 8.56 24.76 -6.80
CA ILE A 226 9.32 24.19 -5.65
C ILE A 226 9.16 25.12 -4.44
N ALA A 227 8.63 24.58 -3.35
CA ALA A 227 8.33 25.31 -2.09
C ALA A 227 8.96 24.56 -0.91
N GLU A 228 9.40 25.31 0.09
CA GLU A 228 10.02 24.77 1.33
C GLU A 228 8.94 24.52 2.37
N ILE A 229 9.20 23.55 3.26
CA ILE A 229 8.33 23.23 4.41
C ILE A 229 8.50 24.30 5.48
N PRO A 230 7.50 24.46 6.37
CA PRO A 230 7.62 25.37 7.52
C PRO A 230 8.95 25.22 8.29
N GLY A 231 9.52 26.35 8.72
CA GLY A 231 10.74 26.40 9.53
C GLY A 231 11.98 25.99 8.76
N THR A 232 11.94 26.12 7.42
CA THR A 232 13.12 25.92 6.53
C THR A 232 13.11 26.99 5.42
N GLY A 233 14.28 27.24 4.83
CA GLY A 233 14.45 28.20 3.73
C GLY A 233 13.72 29.50 4.02
N ASP A 234 12.82 29.93 3.13
CA ASP A 234 12.08 31.20 3.26
C ASP A 234 10.58 30.95 3.49
N SER A 235 10.21 29.77 4.01
CA SER A 235 8.79 29.47 4.37
C SER A 235 8.30 30.56 5.33
N PRO A 236 7.14 31.18 5.04
CA PRO A 236 6.56 32.17 5.95
C PRO A 236 5.75 31.57 7.12
N ALA A 237 5.64 30.23 7.17
CA ALA A 237 4.71 29.49 8.07
C ALA A 237 5.19 29.53 9.53
N LEU A 238 4.26 29.69 10.48
CA LEU A 238 4.54 29.53 11.93
C LEU A 238 5.13 28.13 12.16
N ARG A 239 6.26 28.05 12.85
CA ARG A 239 7.01 26.78 13.01
C ARG A 239 6.25 25.80 13.91
N GLN A 240 5.62 26.30 14.98
CA GLN A 240 5.07 25.44 16.07
C GLN A 240 3.61 25.08 15.81
N ASP A 241 2.97 25.69 14.81
CA ASP A 241 1.52 25.53 14.52
C ASP A 241 1.35 24.43 13.49
N PRO A 242 0.79 23.25 13.86
CA PRO A 242 0.63 22.14 12.91
C PRO A 242 -0.22 22.49 11.66
N THR A 243 -1.02 23.56 11.72
CA THR A 243 -1.94 23.97 10.61
C THR A 243 -1.27 24.96 9.67
N SER A 244 -0.08 25.49 10.00
CA SER A 244 0.66 26.50 9.18
C SER A 244 0.92 26.00 7.75
N PRO A 245 1.30 24.72 7.51
CA PRO A 245 1.43 24.22 6.15
C PRO A 245 0.13 24.33 5.34
N ASP A 246 -1.01 24.06 5.97
CA ASP A 246 -2.36 24.09 5.33
C ASP A 246 -2.54 25.48 4.68
N ARG A 247 -2.24 26.54 5.42
CA ARG A 247 -2.39 27.94 4.95
C ARG A 247 -1.43 28.19 3.79
N GLN A 248 -0.18 27.73 3.93
CA GLN A 248 0.87 27.89 2.90
C GLN A 248 0.42 27.26 1.58
N TRP A 249 -0.11 26.03 1.61
CA TRP A 249 -0.52 25.32 0.38
C TRP A 249 -1.77 25.98 -0.22
N SER A 250 -2.65 26.55 0.60
CA SER A 250 -3.81 27.32 0.10
C SER A 250 -3.31 28.50 -0.75
N SER A 251 -2.28 29.22 -0.27
CA SER A 251 -1.66 30.37 -0.99
C SER A 251 -1.00 29.89 -2.29
N VAL A 252 -0.27 28.78 -2.22
CA VAL A 252 0.51 28.25 -3.38
C VAL A 252 -0.47 27.74 -4.43
N LEU A 253 -1.50 27.00 -4.04
CA LEU A 253 -2.46 26.41 -5.00
C LEU A 253 -3.34 27.51 -5.60
N ASP A 254 -3.70 28.54 -4.83
CA ASP A 254 -4.39 29.75 -5.36
C ASP A 254 -3.53 30.37 -6.47
N TRP A 255 -2.21 30.46 -6.27
CA TRP A 255 -1.30 31.08 -7.26
C TRP A 255 -1.21 30.17 -8.50
N ILE A 256 -1.04 28.86 -8.33
CA ILE A 256 -0.94 27.92 -9.48
C ILE A 256 -2.23 28.01 -10.30
N GLU A 257 -3.39 28.04 -9.63
CA GLU A 257 -4.73 28.15 -10.27
C GLU A 257 -4.80 29.43 -11.11
N SER A 258 -4.13 30.51 -10.70
CA SER A 258 -4.12 31.82 -11.42
C SER A 258 -3.20 31.77 -12.64
N GLN A 259 -2.29 30.79 -12.74
CA GLN A 259 -1.42 30.58 -13.93
C GLN A 259 -2.18 29.69 -14.93
N LYS A 260 -2.81 30.29 -15.94
CA LYS A 260 -3.76 29.59 -16.85
C LYS A 260 -3.01 28.64 -17.80
N ALA A 261 -1.69 28.79 -17.95
CA ALA A 261 -0.83 27.88 -18.75
C ALA A 261 -0.66 26.54 -18.02
N VAL A 262 -1.03 26.49 -16.74
CA VAL A 262 -1.03 25.23 -15.92
C VAL A 262 -2.47 24.71 -15.83
N ASP A 263 -2.63 23.40 -16.06
CA ASP A 263 -3.91 22.68 -15.88
C ASP A 263 -4.06 22.38 -14.38
N SER A 264 -4.94 23.11 -13.69
CA SER A 264 -5.11 23.03 -12.20
C SER A 264 -5.73 21.70 -11.80
N LYS A 265 -6.28 20.92 -12.75
CA LYS A 265 -6.79 19.54 -12.51
C LYS A 265 -5.64 18.52 -12.60
N LYS A 266 -4.42 18.94 -12.93
CA LYS A 266 -3.25 18.02 -13.08
C LYS A 266 -2.08 18.55 -12.23
N ILE A 267 -2.33 18.83 -10.96
CA ILE A 267 -1.26 19.21 -9.98
C ILE A 267 -0.90 17.97 -9.17
N VAL A 268 0.36 17.56 -9.24
CA VAL A 268 0.94 16.43 -8.48
C VAL A 268 1.95 16.99 -7.48
N ALA A 269 1.74 16.76 -6.18
CA ALA A 269 2.67 17.18 -5.11
C ALA A 269 3.61 16.02 -4.79
N TRP A 270 4.91 16.24 -4.92
CA TRP A 270 5.97 15.24 -4.61
C TRP A 270 6.82 15.79 -3.46
N GLY A 271 6.67 15.22 -2.26
CA GLY A 271 7.43 15.55 -1.06
C GLY A 271 8.66 14.67 -0.93
N PHE A 272 9.83 15.29 -0.82
CA PHE A 272 11.13 14.61 -0.63
C PHE A 272 11.51 14.64 0.84
N THR A 274 11.61 14.86 4.65
CA THR A 274 10.69 15.50 5.58
C THR A 274 9.48 16.05 4.82
N GLY A 275 9.70 16.50 3.58
CA GLY A 275 8.66 17.02 2.68
C GLY A 275 7.55 16.01 2.46
N GLY A 276 7.87 14.72 2.57
CA GLY A 276 6.89 13.61 2.44
C GLY A 276 5.75 13.73 3.44
N TYR A 277 6.04 14.13 4.68
CA TYR A 277 5.00 14.38 5.72
C TYR A 277 3.98 15.39 5.16
N TYR A 278 4.47 16.45 4.51
CA TYR A 278 3.62 17.57 4.03
C TYR A 278 2.84 17.13 2.79
N ALA A 279 3.44 16.35 1.90
CA ALA A 279 2.77 15.74 0.73
C ALA A 279 1.62 14.84 1.21
N LEU A 280 1.86 13.99 2.22
CA LEU A 280 0.83 13.08 2.77
C LEU A 280 -0.27 13.92 3.43
N ARG A 281 0.11 14.90 4.24
CA ARG A 281 -0.85 15.79 4.96
C ARG A 281 -1.76 16.50 3.95
N MET A 282 -1.19 17.08 2.89
CA MET A 282 -1.97 17.94 1.95
C MET A 282 -2.85 17.10 1.03
N ALA A 283 -2.59 15.79 0.90
CA ALA A 283 -3.48 14.85 0.16
C ALA A 283 -4.87 14.84 0.82
N HIS A 284 -4.93 15.14 2.12
CA HIS A 284 -6.16 15.21 2.95
C HIS A 284 -6.68 16.65 3.00
N THR A 285 -5.83 17.61 3.38
CA THR A 285 -6.22 19.01 3.64
C THR A 285 -6.63 19.68 2.32
N HIS A 286 -6.03 19.29 1.20
CA HIS A 286 -6.25 19.92 -0.13
C HIS A 286 -6.63 18.85 -1.16
N LYS A 287 -7.35 17.81 -0.71
CA LYS A 287 -7.78 16.66 -1.55
C LYS A 287 -8.31 17.13 -2.91
N ASP A 288 -9.24 18.10 -2.92
CA ASP A 288 -10.03 18.49 -4.12
C ASP A 288 -9.21 19.38 -5.06
N ARG A 289 -7.98 19.75 -4.69
CA ARG A 289 -7.12 20.65 -5.51
C ARG A 289 -5.88 19.92 -6.04
N LEU A 290 -5.73 18.62 -5.74
CA LEU A 290 -4.53 17.83 -6.10
C LEU A 290 -4.94 16.52 -6.80
N LEU A 291 -4.37 16.26 -7.97
CA LEU A 291 -4.59 14.99 -8.70
C LEU A 291 -3.96 13.84 -7.90
N ALA A 292 -2.80 14.08 -7.28
CA ALA A 292 -2.04 13.05 -6.52
C ALA A 292 -0.99 13.71 -5.63
N THR A 293 -0.57 13.00 -4.59
CA THR A 293 0.63 13.37 -3.81
C THR A 293 1.52 12.14 -3.66
N ILE A 294 2.82 12.38 -3.54
CA ILE A 294 3.85 11.33 -3.33
C ILE A 294 4.66 11.72 -2.10
N SER A 295 4.83 10.78 -1.18
CA SER A 295 5.74 10.88 -0.02
C SER A 295 6.92 9.93 -0.26
N LEU A 296 8.12 10.49 -0.49
CA LEU A 296 9.37 9.71 -0.64
C LEU A 296 10.24 9.92 0.61
N GLY A 297 10.33 8.89 1.45
CA GLY A 297 11.09 8.93 2.71
C GLY A 297 10.45 9.86 3.72
N GLY A 298 9.12 9.96 3.73
CA GLY A 298 8.37 10.79 4.68
C GLY A 298 7.99 10.01 5.93
N GLY A 299 7.48 10.72 6.93
CA GLY A 299 6.87 10.14 8.14
C GLY A 299 5.49 10.72 8.39
N ALA A 300 4.90 10.39 9.53
CA ALA A 300 3.48 10.68 9.84
C ALA A 300 3.19 10.73 11.35
N HIS A 301 3.88 9.91 12.16
CA HIS A 301 3.46 9.62 13.56
C HIS A 301 4.67 9.26 14.43
N HIS A 302 5.25 8.08 14.21
CA HIS A 302 6.37 7.55 15.03
C HIS A 302 7.63 8.42 14.86
N MET A 303 7.72 9.23 13.79
CA MET A 303 8.83 10.21 13.62
C MET A 303 8.82 11.22 14.78
N PHE A 304 7.70 11.36 15.50
CA PHE A 304 7.54 12.32 16.63
C PHE A 304 7.71 11.62 17.99
N ASP A 305 8.00 10.31 17.99
CA ASP A 305 8.17 9.49 19.22
C ASP A 305 9.43 9.94 19.96
N ARG A 306 9.37 9.96 21.30
CA ARG A 306 10.56 10.16 22.18
C ARG A 306 11.63 9.13 21.80
N GLU A 307 11.26 7.85 21.74
CA GLU A 307 12.19 6.71 21.53
C GLU A 307 12.91 6.90 20.19
N TRP A 308 12.16 7.19 19.12
CA TRP A 308 12.74 7.42 17.78
C TRP A 308 13.69 8.62 17.82
N LEU A 309 13.22 9.76 18.32
CA LEU A 309 13.97 11.05 18.30
C LEU A 309 15.21 10.96 19.20
N GLU A 310 15.16 10.19 20.29
CA GLU A 310 16.28 10.07 21.26
C GLU A 310 17.40 9.18 20.68
N HIS A 311 17.15 8.48 19.57
CA HIS A 311 18.14 7.58 18.92
C HIS A 311 18.64 8.14 17.57
N ALA A 312 17.81 8.89 16.83
CA ALA A 312 18.06 9.24 15.41
C ALA A 312 19.22 10.24 15.24
N ASN A 313 19.63 10.97 16.28
CA ASN A 313 20.79 11.91 16.23
C ASN A 313 22.08 11.16 15.83
N LYS A 314 22.18 9.86 16.11
CA LYS A 314 23.44 9.09 15.97
C LYS A 314 23.36 8.09 14.80
N LEU A 315 22.34 8.18 13.95
CA LEU A 315 22.11 7.17 12.88
C LEU A 315 22.44 7.78 11.50
N GLU A 316 21.75 7.40 10.43
CA GLU A 316 22.28 7.54 9.05
C GLU A 316 22.36 9.02 8.65
N TYR A 317 21.55 9.89 9.25
CA TYR A 317 21.56 11.35 8.93
C TYR A 317 22.96 11.88 9.17
N PRO A 318 23.51 12.74 8.27
CA PRO A 318 24.90 13.21 8.39
C PRO A 318 25.21 13.99 9.69
N PHE A 319 24.25 14.76 10.21
CA PHE A 319 24.42 15.59 11.43
C PHE A 319 23.41 15.12 12.50
N ASP A 320 22.85 16.04 13.26
CA ASP A 320 21.97 15.77 14.43
C ASP A 320 20.51 15.92 13.98
N LEU A 321 19.90 14.83 13.47
CA LEU A 321 18.56 14.87 12.84
C LEU A 321 17.53 15.45 13.81
N SER A 322 17.48 14.90 15.03
CA SER A 322 16.42 15.19 16.04
C SER A 322 16.52 16.65 16.50
N ASN A 323 17.73 17.15 16.75
CA ASN A 323 17.96 18.56 17.17
C ASN A 323 17.56 19.50 16.01
N THR A 324 17.90 19.13 14.78
CA THR A 324 17.61 19.92 13.55
C THR A 324 16.09 19.97 13.36
N LEU A 325 15.43 18.83 13.49
CA LEU A 325 13.95 18.69 13.43
C LEU A 325 13.32 19.61 14.48
N ALA A 326 13.84 19.60 15.72
CA ALA A 326 13.34 20.43 16.84
C ALA A 326 13.42 21.91 16.49
N TYR A 327 14.55 22.34 15.91
CA TYR A 327 14.81 23.75 15.51
C TYR A 327 13.81 24.17 14.42
N LYS A 328 13.61 23.30 13.43
CA LYS A 328 12.66 23.51 12.30
C LYS A 328 11.21 23.63 12.84
N PHE A 329 10.86 22.94 13.93
CA PHE A 329 9.51 23.01 14.54
C PHE A 329 9.41 24.15 15.57
N GLY A 330 10.49 24.94 15.73
CA GLY A 330 10.47 26.20 16.51
C GLY A 330 10.77 26.00 17.99
N TYR A 331 11.47 24.92 18.37
CA TYR A 331 11.78 24.59 19.79
C TYR A 331 13.26 24.83 20.05
N PRO A 332 13.61 25.36 21.25
CA PRO A 332 14.98 25.73 21.57
C PRO A 332 15.92 24.53 21.86
N ASP A 333 15.37 23.34 22.08
CA ASP A 333 16.14 22.10 22.36
C ASP A 333 15.28 20.88 22.07
N LEU A 334 15.88 19.68 22.06
CA LEU A 334 15.20 18.41 21.70
C LEU A 334 14.12 18.08 22.73
N GLU A 335 14.41 18.20 24.02
CA GLU A 335 13.48 17.83 25.11
C GLU A 335 12.19 18.65 25.00
N SER A 336 12.28 19.96 24.75
CA SER A 336 11.11 20.86 24.59
C SER A 336 10.26 20.41 23.40
N PHE A 337 10.89 19.98 22.30
CA PHE A 337 10.20 19.44 21.10
C PHE A 337 9.47 18.14 21.47
N ILE A 338 10.18 17.19 22.08
CA ILE A 338 9.63 15.84 22.42
C ILE A 338 8.40 16.00 23.32
N GLU A 339 8.43 16.97 24.24
CA GLU A 339 7.31 17.28 25.17
C GLU A 339 6.02 17.55 24.38
N GLU A 340 6.14 18.16 23.19
CA GLU A 340 4.97 18.66 22.40
C GLU A 340 4.81 17.92 21.06
N SER A 341 5.79 17.11 20.64
CA SER A 341 5.91 16.63 19.23
C SER A 341 4.67 15.82 18.81
N SER A 342 3.96 15.19 19.76
CA SER A 342 2.75 14.36 19.49
C SER A 342 1.71 15.16 18.68
N LYS A 343 1.65 16.49 18.83
CA LYS A 343 0.57 17.33 18.23
C LYS A 343 0.75 17.42 16.70
N PHE A 344 1.93 17.09 16.17
CA PHE A 344 2.23 17.14 14.71
C PHE A 344 1.85 15.81 14.04
N SER A 345 1.61 14.77 14.82
CA SER A 345 1.24 13.44 14.28
C SER A 345 -0.02 13.56 13.40
N LEU A 346 0.01 13.01 12.19
CA LEU A 346 -1.16 12.97 11.27
C LEU A 346 -2.20 11.97 11.80
N LEU A 347 -1.80 11.06 12.68
CA LEU A 347 -2.75 10.16 13.40
C LEU A 347 -3.43 10.95 14.52
N ASN A 348 -2.65 11.56 15.41
CA ASN A 348 -3.13 12.25 16.64
C ASN A 348 -4.06 13.42 16.28
N ASP A 349 -3.73 14.19 15.23
CA ASP A 349 -4.47 15.43 14.88
C ASP A 349 -5.67 15.09 13.98
N GLY A 350 -5.85 13.82 13.62
CA GLY A 350 -7.06 13.34 12.92
C GLY A 350 -6.97 13.43 11.41
N THR A 351 -5.83 13.91 10.86
CA THR A 351 -5.65 14.08 9.39
C THR A 351 -5.92 12.75 8.66
N LEU A 352 -5.37 11.63 9.16
CA LEU A 352 -5.39 10.33 8.44
C LEU A 352 -6.81 9.72 8.42
N GLN A 353 -7.75 10.24 9.20
CA GLN A 353 -9.17 9.77 9.20
C GLN A 353 -9.93 10.40 8.03
N LYS A 354 -9.42 11.50 7.47
CA LYS A 354 -10.09 12.27 6.39
C LYS A 354 -9.90 11.53 5.07
N PRO A 355 -10.78 11.76 4.07
CA PRO A 355 -10.57 11.26 2.72
C PRO A 355 -9.30 11.90 2.14
N CYS A 356 -8.62 11.20 1.22
CA CYS A 356 -7.40 11.72 0.55
C CYS A 356 -7.58 11.62 -0.97
N THR A 357 -6.85 12.44 -1.72
CA THR A 357 -6.65 12.25 -3.16
C THR A 357 -5.74 11.03 -3.34
N LYS A 358 -5.35 10.71 -4.57
CA LYS A 358 -4.41 9.60 -4.84
C LYS A 358 -3.11 9.87 -4.06
N VAL A 359 -2.66 8.88 -3.29
CA VAL A 359 -1.39 8.95 -2.50
C VAL A 359 -0.49 7.79 -2.92
N LEU A 360 0.79 8.08 -3.15
CA LEU A 360 1.85 7.06 -3.33
C LEU A 360 2.88 7.23 -2.22
N LEU A 361 3.13 6.17 -1.46
CA LEU A 361 4.13 6.11 -0.36
C LEU A 361 5.30 5.23 -0.82
N VAL A 362 6.52 5.77 -0.83
CA VAL A 362 7.74 4.99 -1.17
C VAL A 362 8.81 5.27 -0.12
N ASN A 363 9.47 4.22 0.36
CA ASN A 363 10.62 4.37 1.29
C ASN A 363 11.38 3.04 1.38
N GLY A 364 12.65 3.13 1.77
CA GLY A 364 13.46 1.98 2.21
C GLY A 364 13.02 1.51 3.57
N ASN A 365 12.88 0.20 3.75
CA ASN A 365 12.42 -0.44 5.01
C ASN A 365 13.33 -0.03 6.17
N ASP A 366 14.62 0.14 5.90
CA ASP A 366 15.68 0.25 6.94
C ASP A 366 15.96 1.72 7.27
N ASP A 367 15.09 2.64 6.82
CA ASP A 367 15.21 4.11 7.06
C ASP A 367 15.47 4.36 8.56
N GLU A 368 16.53 5.11 8.87
CA GLU A 368 16.92 5.50 10.26
C GLU A 368 16.73 7.01 10.45
N ILE A 369 16.07 7.67 9.51
CA ILE A 369 15.70 9.12 9.61
C ILE A 369 14.23 9.20 10.02
N PHE A 370 13.33 8.60 9.24
CA PHE A 370 11.91 8.37 9.61
C PHE A 370 11.63 6.88 9.49
N PRO A 371 10.86 6.29 10.44
CA PRO A 371 10.65 4.84 10.47
C PRO A 371 9.68 4.39 9.37
N ILE A 372 9.94 3.21 8.79
CA ILE A 372 9.02 2.53 7.82
C ILE A 372 7.69 2.26 8.54
N ASP A 373 7.72 2.17 9.88
CA ASP A 373 6.52 2.02 10.75
C ASP A 373 5.48 3.09 10.41
N ASP A 374 5.92 4.29 9.98
CA ASP A 374 4.98 5.39 9.62
C ASP A 374 4.30 5.10 8.26
N MET A 375 4.93 4.37 7.35
CA MET A 375 4.23 3.86 6.15
C MET A 375 3.06 2.98 6.62
N PHE A 376 3.30 2.12 7.61
CA PHE A 376 2.26 1.20 8.14
C PHE A 376 1.13 2.03 8.74
N VAL A 377 1.45 3.03 9.56
CA VAL A 377 0.43 3.92 10.20
C VAL A 377 -0.39 4.58 9.08
N SER A 378 0.29 5.03 8.01
CA SER A 378 -0.36 5.67 6.84
C SER A 378 -1.33 4.69 6.16
N LEU A 379 -0.98 3.39 6.12
CA LEU A 379 -1.80 2.34 5.47
C LEU A 379 -2.84 1.78 6.45
N GLU A 380 -2.78 2.14 7.74
CA GLU A 380 -3.68 1.61 8.81
C GLU A 380 -4.89 2.53 8.98
N ASN A 381 -4.97 3.66 8.28
CA ASN A 381 -6.00 4.70 8.54
C ASN A 381 -6.56 5.27 7.23
N GLY A 382 -7.86 5.56 7.22
CA GLY A 382 -8.57 6.20 6.10
C GLY A 382 -8.61 5.30 4.87
N GLN A 383 -8.47 5.91 3.69
CA GLN A 383 -8.65 5.21 2.39
C GLN A 383 -7.36 4.47 2.03
N PRO A 384 -7.44 3.43 1.18
CA PRO A 384 -6.25 2.74 0.67
C PRO A 384 -5.30 3.71 -0.04
N LYS A 385 -3.99 3.47 0.10
CA LYS A 385 -2.93 4.28 -0.53
C LYS A 385 -1.99 3.36 -1.31
N LEU A 386 -1.45 3.85 -2.42
CA LEU A 386 -0.43 3.11 -3.20
C LEU A 386 0.86 3.10 -2.37
N ALA A 387 1.56 1.97 -2.36
CA ALA A 387 2.84 1.84 -1.63
C ALA A 387 3.82 0.98 -2.43
N ARG A 388 5.09 1.38 -2.40
CA ARG A 388 6.26 0.51 -2.72
C ARG A 388 7.24 0.62 -1.55
N MET A 389 7.46 -0.48 -0.87
CA MET A 389 8.54 -0.65 0.15
C MET A 389 9.79 -1.08 -0.60
N VAL A 390 10.96 -0.57 -0.21
CA VAL A 390 12.26 -0.98 -0.80
C VAL A 390 13.04 -1.71 0.28
N LYS A 391 13.04 -3.05 0.23
CA LYS A 391 13.68 -3.91 1.24
C LYS A 391 15.20 -3.71 1.14
N GLY A 392 15.89 -3.71 2.29
CA GLY A 392 17.38 -3.69 2.37
C GLY A 392 17.96 -2.33 2.02
N LYS A 393 17.14 -1.28 1.89
CA LYS A 393 17.60 0.11 1.64
C LYS A 393 17.14 0.99 2.80
N LYS A 394 17.89 2.05 3.08
CA LYS A 394 17.60 3.02 4.16
C LYS A 394 16.84 4.21 3.54
N HIS A 395 16.96 5.40 4.14
CA HIS A 395 16.16 6.60 3.80
C HIS A 395 16.04 6.76 2.29
N MET A 396 14.79 6.85 1.79
CA MET A 396 14.40 7.19 0.39
C MET A 396 14.46 5.97 -0.54
N GLY A 397 15.03 4.85 -0.12
CA GLY A 397 15.08 3.60 -0.91
C GLY A 397 15.62 3.82 -2.33
N GLU A 398 16.70 4.60 -2.47
CA GLU A 398 17.30 4.94 -3.78
C GLU A 398 18.22 3.80 -4.24
N PRO A 399 18.48 3.64 -5.56
CA PRO A 399 17.89 4.51 -6.59
C PRO A 399 16.51 4.07 -7.13
N GLU A 400 16.03 2.87 -6.79
CA GLU A 400 14.81 2.29 -7.41
C GLU A 400 13.59 3.18 -7.13
N SER A 401 13.56 3.89 -5.99
CA SER A 401 12.43 4.78 -5.60
C SER A 401 12.14 5.80 -6.71
N PHE A 402 13.17 6.39 -7.32
CA PHE A 402 13.00 7.45 -8.34
C PHE A 402 12.31 6.87 -9.58
N SER A 403 12.70 5.66 -9.99
CA SER A 403 12.13 4.97 -11.18
C SER A 403 10.66 4.61 -10.90
N ILE A 404 10.38 4.09 -9.71
CA ILE A 404 8.99 3.74 -9.26
C ILE A 404 8.11 4.99 -9.41
N ILE A 405 8.55 6.12 -8.87
CA ILE A 405 7.74 7.36 -8.78
C ILE A 405 7.58 7.96 -10.18
N LEU A 406 8.65 8.08 -10.97
CA LEU A 406 8.55 8.68 -12.33
C LEU A 406 7.64 7.81 -13.19
N GLU A 407 7.75 6.48 -13.10
CA GLU A 407 6.91 5.55 -13.90
C GLU A 407 5.44 5.85 -13.60
N TRP A 408 5.10 6.00 -12.30
CA TRP A 408 3.71 6.22 -11.82
C TRP A 408 3.19 7.59 -12.29
N ILE A 409 4.00 8.66 -12.15
CA ILE A 409 3.60 10.04 -12.58
C ILE A 409 3.41 10.05 -14.10
N HIS A 410 4.30 9.41 -14.87
CA HIS A 410 4.18 9.35 -16.35
C HIS A 410 2.86 8.70 -16.74
N LYS A 411 2.45 7.64 -16.03
CA LYS A 411 1.18 6.90 -16.30
C LYS A 411 0.00 7.81 -15.93
N LEU A 412 0.08 8.47 -14.77
CA LEU A 412 -0.99 9.35 -14.23
C LEU A 412 -1.28 10.49 -15.20
N LEU A 413 -0.23 11.12 -15.74
CA LEU A 413 -0.31 12.37 -16.55
C LEU A 413 -0.27 12.07 -18.06
N GLY A 414 -0.16 10.79 -18.46
CA GLY A 414 -0.08 10.38 -19.87
C GLY A 414 1.11 11.00 -20.58
N LEU A 415 2.30 10.98 -19.95
CA LEU A 415 3.57 11.48 -20.52
C LEU A 415 4.20 10.37 -21.37
N ASP A 416 5.39 10.61 -21.93
CA ASP A 416 6.02 9.71 -22.95
C ASP A 416 6.51 8.42 -22.30
N GLY A 417 6.59 8.36 -20.97
CA GLY A 417 7.05 7.18 -20.20
C GLY A 417 8.55 6.95 -20.31
N LYS A 418 9.30 7.92 -20.81
CA LYS A 418 10.78 7.81 -21.04
C LYS A 418 11.51 8.29 -19.80
N ILE A 419 11.43 7.52 -18.72
CA ILE A 419 11.88 7.93 -17.36
C ILE A 419 13.42 7.83 -17.27
N LYS A 420 14.04 6.91 -18.01
CA LYS A 420 15.53 6.77 -18.03
C LYS A 420 16.13 8.09 -18.55
N GLU A 421 15.56 8.62 -19.63
CA GLU A 421 16.01 9.89 -20.26
C GLU A 421 15.93 11.02 -19.23
N GLN A 422 14.82 11.08 -18.48
CA GLN A 422 14.57 12.13 -17.46
C GLN A 422 15.58 11.99 -16.31
N LEU A 423 15.75 10.77 -15.78
CA LEU A 423 16.64 10.50 -14.62
C LEU A 423 18.10 10.83 -14.95
N ALA A 424 18.52 10.62 -16.19
CA ALA A 424 19.93 10.84 -16.64
C ALA A 424 20.30 12.31 -16.54
N MET A 425 19.31 13.21 -16.50
CA MET A 425 19.54 14.68 -16.46
C MET A 425 19.89 15.15 -15.03
N ILE A 426 19.75 14.27 -14.02
CA ILE A 426 19.89 14.64 -12.58
C ILE A 426 21.37 14.78 -12.21
N PRO A 427 22.24 13.77 -12.43
CA PRO A 427 23.66 13.89 -12.06
C PRO A 427 24.35 15.08 -12.76
N SER A 428 25.03 15.93 -11.99
CA SER A 428 25.69 17.18 -12.44
C SER A 428 26.95 16.85 -13.25
N ALA B 19 11.66 -18.42 15.84
CA ALA B 19 10.37 -18.28 15.09
C ALA B 19 9.47 -17.22 15.74
N THR B 20 9.60 -17.01 17.05
CA THR B 20 8.79 -16.05 17.86
C THR B 20 9.19 -14.60 17.58
N GLU B 21 10.32 -14.35 16.90
CA GLU B 21 10.78 -12.98 16.56
C GLU B 21 10.79 -12.77 15.03
N LYS B 22 10.38 -13.78 14.25
CA LYS B 22 10.50 -13.79 12.77
C LYS B 22 9.38 -12.94 12.14
N TYR B 23 8.17 -13.01 12.67
CA TYR B 23 6.95 -12.42 12.06
C TYR B 23 6.46 -11.22 12.86
N TYR B 24 5.64 -10.39 12.21
CA TYR B 24 5.05 -9.15 12.76
C TYR B 24 4.33 -9.44 14.09
N ILE B 25 3.60 -10.54 14.18
CA ILE B 25 2.78 -10.89 15.38
C ILE B 25 3.67 -11.50 16.47
N ARG B 26 4.95 -11.72 16.17
CA ARG B 26 5.99 -12.10 17.16
C ARG B 26 5.55 -13.40 17.85
N ASP B 27 5.40 -13.38 19.18
CA ASP B 27 5.21 -14.60 20.02
C ASP B 27 3.72 -14.98 20.12
N ALA B 28 2.82 -14.22 19.49
CA ALA B 28 1.39 -14.60 19.34
C ALA B 28 1.28 -15.98 18.72
N ILE B 29 2.34 -16.39 18.01
CA ILE B 29 2.44 -17.61 17.17
C ILE B 29 2.55 -18.86 18.07
N THR B 30 2.97 -18.71 19.33
CA THR B 30 3.21 -19.83 20.29
C THR B 30 2.07 -19.98 21.30
N LYS B 31 0.96 -19.26 21.13
CA LYS B 31 -0.20 -19.28 22.05
C LYS B 31 -1.32 -20.12 21.44
N PRO B 32 -1.55 -21.37 21.91
CA PRO B 32 -2.64 -22.18 21.39
C PRO B 32 -4.01 -21.52 21.65
N ALA B 33 -4.91 -21.53 20.66
CA ALA B 33 -6.30 -21.06 20.75
C ALA B 33 -7.16 -22.12 21.45
N VAL B 34 -8.05 -21.67 22.35
CA VAL B 34 -8.89 -22.54 23.24
C VAL B 34 -9.79 -23.47 22.41
N HIS B 35 -10.22 -23.04 21.22
CA HIS B 35 -11.25 -23.76 20.40
C HIS B 35 -10.70 -25.10 19.89
N HIS B 36 -9.39 -25.33 19.96
CA HIS B 36 -8.74 -26.61 19.55
C HIS B 36 -8.88 -27.67 20.64
N GLU B 37 -9.34 -27.31 21.84
CA GLU B 37 -9.49 -28.22 23.00
C GLU B 37 -10.59 -29.26 22.72
N SER B 38 -11.69 -28.83 22.10
CA SER B 38 -12.92 -29.63 21.86
C SER B 38 -13.85 -28.88 20.91
N TYR B 39 -14.82 -29.59 20.32
CA TYR B 39 -15.93 -28.99 19.54
C TYR B 39 -16.73 -28.06 20.47
N GLN B 40 -16.88 -28.44 21.75
CA GLN B 40 -17.58 -27.62 22.78
C GLN B 40 -16.94 -26.22 22.84
N LYS B 41 -15.61 -26.15 22.85
CA LYS B 41 -14.86 -24.86 22.91
C LYS B 41 -15.01 -24.13 21.56
N LEU B 42 -14.93 -24.85 20.43
CA LEU B 42 -15.12 -24.27 19.08
C LEU B 42 -16.50 -23.61 19.00
N TRP B 43 -17.55 -24.33 19.40
CA TRP B 43 -18.95 -23.83 19.43
C TRP B 43 -19.06 -22.59 20.34
N GLU B 44 -18.68 -22.74 21.61
CA GLU B 44 -18.89 -21.72 22.67
C GLU B 44 -18.12 -20.43 22.36
N THR B 45 -16.84 -20.54 21.96
CA THR B 45 -15.89 -19.39 21.92
C THR B 45 -15.72 -18.82 20.49
N LYS B 46 -16.25 -19.47 19.45
CA LYS B 46 -15.94 -19.05 18.05
C LYS B 46 -17.16 -19.14 17.12
N TRP B 47 -17.89 -20.27 17.12
CA TRP B 47 -18.88 -20.60 16.05
C TRP B 47 -20.32 -20.24 16.44
N LYS B 48 -20.70 -20.33 17.71
CA LYS B 48 -22.11 -20.05 18.13
C LYS B 48 -22.51 -18.63 17.70
N LYS B 49 -21.68 -17.63 18.00
CA LYS B 49 -21.99 -16.19 17.76
C LYS B 49 -22.26 -15.97 16.26
N PRO B 50 -21.33 -16.26 15.34
CA PRO B 50 -21.58 -16.09 13.90
C PRO B 50 -22.79 -16.90 13.40
N CYS B 51 -23.06 -18.08 13.98
CA CYS B 51 -24.25 -18.89 13.63
C CYS B 51 -25.53 -18.11 13.95
N GLU B 52 -25.61 -17.54 15.17
CA GLU B 52 -26.75 -16.70 15.63
C GLU B 52 -26.96 -15.52 14.70
N MET B 53 -25.87 -14.91 14.19
CA MET B 53 -25.90 -13.68 13.37
C MET B 53 -26.06 -14.03 11.88
N GLY B 54 -25.99 -15.31 11.52
CA GLY B 54 -26.26 -15.83 10.16
C GLY B 54 -25.20 -15.37 9.17
N VAL B 55 -23.94 -15.36 9.60
CA VAL B 55 -22.78 -14.89 8.79
C VAL B 55 -21.73 -16.01 8.76
N TYR B 56 -20.73 -15.88 7.89
CA TYR B 56 -19.68 -16.89 7.63
C TYR B 56 -19.19 -17.48 8.96
N PRO B 57 -19.05 -18.82 9.07
CA PRO B 57 -19.35 -19.76 7.99
C PRO B 57 -20.80 -20.28 7.89
N PHE B 58 -21.78 -19.57 8.45
CA PHE B 58 -23.19 -20.02 8.58
C PHE B 58 -24.14 -19.19 7.72
N MET B 59 -23.66 -18.63 6.60
CA MET B 59 -24.51 -17.92 5.62
C MET B 59 -25.61 -18.89 5.15
N PHE B 60 -26.85 -18.40 5.00
CA PHE B 60 -28.06 -19.15 4.57
C PHE B 60 -28.54 -20.08 5.70
N GLY B 61 -27.83 -20.11 6.83
CA GLY B 61 -28.06 -21.06 7.93
C GLY B 61 -28.90 -20.46 9.06
N SER B 62 -29.35 -21.30 9.99
CA SER B 62 -30.16 -20.91 11.17
C SER B 62 -29.59 -21.58 12.43
N ILE B 63 -29.39 -20.80 13.48
CA ILE B 63 -28.99 -21.28 14.85
C ILE B 63 -29.98 -22.37 15.29
N LYS B 64 -31.24 -22.30 14.85
CA LYS B 64 -32.30 -23.30 15.14
C LYS B 64 -31.88 -24.68 14.61
N ASP B 65 -31.14 -24.72 13.49
CA ASP B 65 -30.70 -25.98 12.84
C ASP B 65 -29.41 -26.47 13.51
N PHE B 66 -28.47 -25.57 13.80
CA PHE B 66 -27.07 -25.92 14.19
C PHE B 66 -26.97 -26.19 15.70
N GLU B 67 -27.74 -25.46 16.52
CA GLU B 67 -27.69 -25.55 18.01
C GLU B 67 -27.96 -27.01 18.41
N PRO B 68 -29.07 -27.65 17.97
CA PRO B 68 -29.35 -29.03 18.33
C PRO B 68 -28.21 -29.99 17.93
N VAL B 69 -27.62 -29.78 16.76
CA VAL B 69 -26.51 -30.62 16.23
C VAL B 69 -25.28 -30.44 17.12
N ALA B 70 -24.93 -29.19 17.44
CA ALA B 70 -23.80 -28.81 18.31
C ALA B 70 -23.89 -29.57 19.64
N GLN B 71 -25.08 -29.60 20.25
CA GLN B 71 -25.32 -30.26 21.57
C GLN B 71 -25.06 -31.76 21.44
N GLU B 72 -25.48 -32.39 20.33
CA GLU B 72 -25.29 -33.83 20.07
C GLU B 72 -23.80 -34.14 19.87
N ILE B 73 -23.05 -33.25 19.21
CA ILE B 73 -21.59 -33.40 19.02
C ILE B 73 -20.91 -33.25 20.39
N ILE B 74 -21.34 -32.26 21.19
CA ILE B 74 -20.79 -31.97 22.55
C ILE B 74 -21.04 -33.18 23.45
N LYS B 75 -22.23 -33.79 23.36
CA LYS B 75 -22.62 -35.01 24.13
C LYS B 75 -21.61 -36.14 23.86
N LYS B 76 -21.10 -36.26 22.63
CA LYS B 76 -20.16 -37.34 22.21
C LYS B 76 -18.71 -36.97 22.57
N GLY B 77 -18.48 -35.72 22.96
CA GLY B 77 -17.14 -35.22 23.39
C GLY B 77 -16.15 -35.16 22.23
N LEU B 78 -16.64 -34.96 21.00
CA LEU B 78 -15.77 -34.94 19.79
C LEU B 78 -14.73 -33.82 19.95
N LYS B 79 -13.50 -34.11 19.55
CA LYS B 79 -12.32 -33.21 19.67
C LYS B 79 -11.25 -33.65 18.67
N GLU B 80 -10.28 -32.77 18.37
CA GLU B 80 -9.06 -33.10 17.59
C GLU B 80 -8.31 -34.22 18.30
N PRO B 81 -7.80 -35.26 17.59
CA PRO B 81 -8.00 -35.41 16.15
C PRO B 81 -9.39 -35.96 15.79
N TYR B 82 -10.09 -35.29 14.87
CA TYR B 82 -11.47 -35.65 14.45
C TYR B 82 -11.43 -36.87 13.52
N ASP B 83 -12.43 -37.73 13.65
CA ASP B 83 -12.80 -38.74 12.62
C ASP B 83 -13.84 -38.07 11.73
N TRP B 84 -13.47 -37.71 10.51
CA TRP B 84 -14.29 -36.82 9.64
C TRP B 84 -15.57 -37.54 9.19
N ASP B 85 -15.55 -38.87 9.09
CA ASP B 85 -16.78 -39.67 8.79
C ASP B 85 -17.75 -39.60 9.98
N GLU B 86 -17.24 -39.85 11.19
CA GLU B 86 -18.03 -39.76 12.45
C GLU B 86 -18.58 -38.33 12.60
N TYR B 87 -17.72 -37.33 12.37
CA TYR B 87 -18.03 -35.88 12.54
C TYR B 87 -19.13 -35.47 11.55
N ALA B 88 -18.92 -35.73 10.26
CA ALA B 88 -19.83 -35.36 9.16
C ALA B 88 -21.24 -35.92 9.43
N GLN B 89 -21.32 -37.20 9.82
CA GLN B 89 -22.58 -37.95 10.04
C GLN B 89 -23.49 -37.23 11.06
N MET B 90 -22.90 -36.48 12.01
CA MET B 90 -23.65 -35.77 13.09
C MET B 90 -24.59 -34.72 12.49
N TYR B 91 -24.27 -34.20 11.31
CA TYR B 91 -25.01 -33.10 10.63
C TYR B 91 -26.10 -33.63 9.70
N PHE B 92 -26.05 -34.91 9.31
CA PHE B 92 -26.83 -35.46 8.16
C PHE B 92 -28.31 -35.53 8.51
N PRO B 93 -28.74 -36.05 9.68
CA PRO B 93 -30.16 -36.06 10.03
C PRO B 93 -30.81 -34.67 9.87
N LYS B 94 -30.14 -33.62 10.36
CA LYS B 94 -30.62 -32.21 10.27
C LYS B 94 -30.68 -31.77 8.80
N ALA B 95 -29.61 -32.01 8.04
CA ALA B 95 -29.51 -31.66 6.60
C ALA B 95 -30.66 -32.32 5.81
N GLU B 96 -30.93 -33.60 6.08
CA GLU B 96 -31.99 -34.38 5.39
C GLU B 96 -33.36 -33.79 5.79
N GLU B 97 -33.57 -33.53 7.09
CA GLU B 97 -34.84 -32.95 7.61
C GLU B 97 -35.16 -31.65 6.87
N LEU B 98 -34.17 -30.75 6.75
CA LEU B 98 -34.36 -29.42 6.11
C LEU B 98 -34.67 -29.61 4.63
N ALA B 99 -33.99 -30.55 3.95
CA ALA B 99 -34.21 -30.87 2.52
C ALA B 99 -35.65 -31.38 2.32
N LYS B 100 -36.16 -32.16 3.26
CA LYS B 100 -37.50 -32.80 3.18
C LYS B 100 -38.60 -31.73 3.33
N ILE B 101 -38.41 -30.80 4.27
CA ILE B 101 -39.29 -29.61 4.47
C ILE B 101 -39.33 -28.81 3.16
N ALA B 102 -38.15 -28.59 2.55
CA ALA B 102 -37.98 -27.81 1.31
C ALA B 102 -38.76 -28.45 0.15
N GLU B 103 -38.65 -29.78 0.00
CA GLU B 103 -39.35 -30.57 -1.06
C GLU B 103 -40.87 -30.43 -0.90
N GLU B 104 -41.36 -30.52 0.34
CA GLU B 104 -42.81 -30.43 0.68
C GLU B 104 -43.31 -29.02 0.39
N ALA B 105 -42.52 -28.00 0.75
CA ALA B 105 -42.81 -26.56 0.51
C ALA B 105 -42.93 -26.32 -1.00
N GLU B 106 -42.01 -26.86 -1.80
CA GLU B 106 -42.00 -26.73 -3.28
C GLU B 106 -43.24 -27.43 -3.85
N ALA B 107 -43.57 -28.62 -3.36
CA ALA B 107 -44.77 -29.40 -3.73
C ALA B 107 -46.03 -28.55 -3.45
N ALA B 108 -46.04 -27.81 -2.34
CA ALA B 108 -47.16 -26.95 -1.89
C ALA B 108 -47.24 -25.66 -2.69
N GLY B 109 -46.22 -25.36 -3.52
CA GLY B 109 -46.12 -24.13 -4.31
C GLY B 109 -45.56 -22.97 -3.50
N GLU B 110 -44.99 -23.26 -2.32
CA GLU B 110 -44.39 -22.27 -1.39
C GLU B 110 -42.94 -22.01 -1.82
N LYS B 111 -42.74 -21.20 -2.87
CA LYS B 111 -41.44 -20.97 -3.54
C LYS B 111 -40.42 -20.42 -2.52
N GLU B 112 -40.78 -19.32 -1.84
CA GLU B 112 -39.89 -18.59 -0.90
C GLU B 112 -39.42 -19.55 0.21
N LYS B 113 -40.34 -20.30 0.81
CA LYS B 113 -40.06 -21.26 1.91
C LYS B 113 -39.13 -22.37 1.40
N ALA B 114 -39.42 -22.94 0.24
CA ALA B 114 -38.62 -24.02 -0.39
C ALA B 114 -37.18 -23.53 -0.56
N SER B 115 -36.98 -22.35 -1.16
CA SER B 115 -35.66 -21.72 -1.34
C SER B 115 -34.92 -21.66 0.00
N GLU B 116 -35.58 -21.13 1.04
CA GLU B 116 -34.98 -20.92 2.38
C GLU B 116 -34.43 -22.24 2.92
N TYR B 117 -35.27 -23.29 2.94
CA TYR B 117 -34.96 -24.59 3.60
C TYR B 117 -33.93 -25.37 2.79
N TYR B 118 -33.97 -25.31 1.46
CA TYR B 118 -32.94 -25.88 0.56
C TYR B 118 -31.58 -25.28 0.95
N LEU B 119 -31.53 -23.95 1.10
CA LEU B 119 -30.27 -23.22 1.42
C LEU B 119 -29.85 -23.52 2.87
N ARG B 120 -30.80 -23.62 3.81
CA ARG B 120 -30.53 -24.02 5.22
C ARG B 120 -29.93 -25.43 5.22
N SER B 121 -30.48 -26.34 4.42
CA SER B 121 -29.92 -27.71 4.19
C SER B 121 -28.47 -27.59 3.69
N SER B 122 -28.22 -26.76 2.66
CA SER B 122 -26.89 -26.59 2.05
C SER B 122 -25.87 -26.16 3.13
N ALA B 123 -26.28 -25.30 4.07
CA ALA B 123 -25.41 -24.78 5.15
C ALA B 123 -25.00 -25.92 6.10
N VAL B 124 -25.93 -26.80 6.45
CA VAL B 124 -25.65 -27.92 7.40
C VAL B 124 -24.68 -28.91 6.71
N TYR B 125 -24.94 -29.28 5.45
CA TYR B 125 -24.04 -30.14 4.64
C TYR B 125 -22.65 -29.48 4.57
N ARG B 126 -22.59 -28.16 4.33
CA ARG B 126 -21.33 -27.36 4.23
C ARG B 126 -20.46 -27.62 5.47
N ILE B 127 -20.98 -27.32 6.66
CA ILE B 127 -20.18 -27.34 7.93
C ILE B 127 -19.73 -28.78 8.22
N SER B 128 -20.53 -29.76 7.80
CA SER B 128 -20.19 -31.21 7.94
C SER B 128 -18.90 -31.52 7.17
N ARG B 129 -18.58 -30.78 6.10
CA ARG B 129 -17.36 -31.05 5.27
C ARG B 129 -16.34 -29.90 5.42
N PHE B 130 -16.51 -29.03 6.41
CA PHE B 130 -15.42 -28.15 6.92
C PHE B 130 -14.42 -29.03 7.67
N PRO B 131 -13.10 -28.72 7.62
CA PRO B 131 -12.57 -27.58 6.87
C PRO B 131 -12.43 -27.80 5.35
N THR B 132 -12.11 -29.03 4.94
CA THR B 132 -12.11 -29.49 3.52
C THR B 132 -12.45 -30.97 3.51
N PRO B 133 -13.16 -31.47 2.47
CA PRO B 133 -13.52 -32.89 2.44
C PRO B 133 -12.27 -33.79 2.45
N ARG B 134 -12.05 -34.53 3.55
CA ARG B 134 -10.90 -35.47 3.69
C ARG B 134 -11.40 -36.87 4.06
N SER B 135 -12.69 -37.16 3.80
CA SER B 135 -13.31 -38.49 4.01
C SER B 135 -14.50 -38.65 3.06
N GLU B 136 -14.94 -39.89 2.83
CA GLU B 136 -16.05 -40.25 1.90
C GLU B 136 -17.32 -39.50 2.30
N LYS B 137 -17.67 -39.46 3.58
CA LYS B 137 -18.91 -38.77 4.06
C LYS B 137 -18.79 -37.26 3.81
N GLN B 138 -17.59 -36.69 3.93
CA GLN B 138 -17.38 -35.23 3.68
C GLN B 138 -17.48 -34.97 2.16
N LYS B 139 -16.91 -35.84 1.33
CA LYS B 139 -17.00 -35.74 -0.16
C LYS B 139 -18.47 -35.87 -0.57
N TYR B 140 -19.20 -36.80 0.06
CA TYR B 140 -20.67 -36.98 -0.12
C TYR B 140 -21.39 -35.68 0.27
N ALA B 141 -21.06 -35.10 1.42
CA ALA B 141 -21.67 -33.85 1.95
C ALA B 141 -21.46 -32.69 0.96
N TRP B 142 -20.30 -32.66 0.30
CA TRP B 142 -20.01 -31.64 -0.75
C TRP B 142 -21.00 -31.82 -1.90
N ARG B 143 -21.20 -33.06 -2.38
CA ARG B 143 -22.11 -33.38 -3.51
C ARG B 143 -23.54 -33.00 -3.10
N LYS B 144 -23.99 -33.45 -1.91
CA LYS B 144 -25.38 -33.21 -1.39
C LYS B 144 -25.58 -31.72 -1.16
N GLY B 145 -24.60 -31.05 -0.55
CA GLY B 145 -24.62 -29.60 -0.28
C GLY B 145 -24.87 -28.79 -1.56
N CYS B 146 -24.13 -29.08 -2.62
CA CYS B 146 -24.26 -28.43 -3.95
C CYS B 146 -25.64 -28.71 -4.52
N GLU B 147 -26.12 -29.95 -4.44
CA GLU B 147 -27.44 -30.34 -4.99
C GLU B 147 -28.53 -29.43 -4.40
N VAL B 148 -28.60 -29.34 -3.06
CA VAL B 148 -29.67 -28.57 -2.35
C VAL B 148 -29.38 -27.06 -2.51
N PHE B 149 -28.12 -26.66 -2.58
CA PHE B 149 -27.77 -25.23 -2.81
C PHE B 149 -28.43 -24.75 -4.11
N TYR B 150 -28.22 -25.49 -5.21
CA TYR B 150 -28.69 -25.10 -6.56
C TYR B 150 -30.21 -25.24 -6.64
N LYS B 151 -30.82 -26.16 -5.89
CA LYS B 151 -32.30 -26.28 -5.81
C LYS B 151 -32.87 -25.01 -5.16
N GLY B 152 -32.24 -24.53 -4.08
CA GLY B 152 -32.60 -23.27 -3.40
C GLY B 152 -32.32 -22.04 -4.25
N ALA B 153 -31.13 -22.00 -4.89
CA ALA B 153 -30.68 -20.90 -5.76
C ALA B 153 -31.64 -20.72 -6.95
N ALA B 154 -32.12 -21.83 -7.53
CA ALA B 154 -33.04 -21.87 -8.68
C ALA B 154 -34.38 -21.22 -8.31
N LEU B 155 -34.74 -21.20 -7.02
CA LEU B 155 -36.03 -20.69 -6.50
C LEU B 155 -35.87 -19.30 -5.88
N MET B 156 -34.69 -18.66 -6.01
CA MET B 156 -34.49 -17.25 -5.63
C MET B 156 -35.25 -16.37 -6.64
N GLU B 157 -35.64 -15.17 -6.24
CA GLU B 157 -36.35 -14.20 -7.12
C GLU B 157 -35.49 -13.98 -8.37
N TYR B 158 -34.18 -13.79 -8.17
CA TYR B 158 -33.14 -13.70 -9.22
C TYR B 158 -32.27 -14.95 -9.12
N PRO B 159 -32.62 -16.05 -9.81
CA PRO B 159 -31.95 -17.33 -9.60
C PRO B 159 -30.46 -17.30 -9.95
N ILE B 160 -29.62 -17.80 -9.04
CA ILE B 160 -28.17 -18.10 -9.28
C ILE B 160 -28.11 -19.47 -9.95
N LYS B 161 -27.38 -19.59 -11.07
CA LYS B 161 -27.25 -20.89 -11.76
C LYS B 161 -25.79 -21.32 -11.82
N GLU B 162 -25.59 -22.63 -11.97
CA GLU B 162 -24.28 -23.27 -12.23
C GLU B 162 -23.98 -23.17 -13.72
N VAL B 163 -22.75 -22.77 -14.06
CA VAL B 163 -22.17 -22.93 -15.43
C VAL B 163 -20.96 -23.84 -15.32
N ARG B 164 -20.94 -24.93 -16.10
CA ARG B 164 -19.76 -25.82 -16.25
C ARG B 164 -18.91 -25.25 -17.39
N ILE B 165 -17.99 -24.35 -17.05
CA ILE B 165 -17.10 -23.68 -18.04
C ILE B 165 -16.14 -24.74 -18.59
N PRO B 166 -16.08 -24.95 -19.92
CA PRO B 166 -15.13 -25.91 -20.49
C PRO B 166 -13.70 -25.48 -20.17
N HIS B 167 -12.89 -26.40 -19.63
CA HIS B 167 -11.48 -26.15 -19.24
C HIS B 167 -10.59 -26.43 -20.46
N LYS B 168 -10.67 -25.58 -21.48
CA LYS B 168 -9.98 -25.76 -22.79
C LYS B 168 -8.47 -25.66 -22.59
N HIS B 169 -8.01 -24.96 -21.54
CA HIS B 169 -6.57 -24.77 -21.23
C HIS B 169 -6.03 -25.91 -20.34
N GLY B 170 -6.87 -26.90 -20.01
CA GLY B 170 -6.47 -28.03 -19.14
C GLY B 170 -5.41 -28.90 -19.79
N ILE B 171 -4.52 -29.49 -18.99
CA ILE B 171 -3.50 -30.48 -19.44
C ILE B 171 -3.83 -31.84 -18.82
N GLU B 172 -3.03 -32.86 -19.13
CA GLU B 172 -3.21 -34.26 -18.65
C GLU B 172 -3.43 -34.26 -17.13
N GLY B 173 -4.47 -34.95 -16.67
CA GLY B 173 -4.77 -35.16 -15.25
C GLY B 173 -5.73 -34.11 -14.69
N GLU B 174 -6.08 -33.09 -15.48
CA GLU B 174 -7.01 -32.01 -15.04
C GLU B 174 -8.43 -32.34 -15.50
N GLY B 175 -9.42 -31.86 -14.74
CA GLY B 175 -10.86 -32.02 -15.04
C GLY B 175 -11.23 -31.29 -16.31
N ASP B 176 -12.39 -31.64 -16.89
CA ASP B 176 -12.88 -31.13 -18.20
C ASP B 176 -13.54 -29.76 -18.05
N VAL B 177 -14.02 -29.42 -16.83
CA VAL B 177 -14.87 -28.21 -16.59
C VAL B 177 -14.41 -27.47 -15.33
N VAL B 178 -14.68 -26.15 -15.32
CA VAL B 178 -14.62 -25.26 -14.12
C VAL B 178 -16.04 -24.88 -13.74
N PRO B 179 -16.69 -25.60 -12.79
CA PRO B 179 -18.02 -25.23 -12.33
C PRO B 179 -17.99 -23.91 -11.55
N VAL B 180 -18.86 -22.96 -11.93
CA VAL B 180 -18.95 -21.61 -11.30
C VAL B 180 -20.42 -21.29 -11.01
N ASN B 181 -20.67 -20.39 -10.06
CA ASN B 181 -21.96 -19.68 -9.93
C ASN B 181 -21.96 -18.51 -10.91
N PHE B 182 -23.13 -18.18 -11.44
CA PHE B 182 -23.33 -17.06 -12.39
C PHE B 182 -24.65 -16.36 -12.05
N LEU B 183 -24.59 -15.04 -11.86
CA LEU B 183 -25.80 -14.18 -11.72
C LEU B 183 -25.58 -12.91 -12.54
N LEU B 184 -26.54 -12.61 -13.40
CA LEU B 184 -26.65 -11.35 -14.19
C LEU B 184 -27.70 -10.47 -13.51
N PRO B 185 -27.50 -9.14 -13.41
CA PRO B 185 -28.59 -8.26 -13.03
C PRO B 185 -29.62 -8.25 -14.15
N PRO B 186 -30.91 -7.93 -13.87
CA PRO B 186 -31.90 -7.76 -14.93
C PRO B 186 -31.53 -6.49 -15.71
N ASN B 187 -31.79 -6.49 -17.02
CA ASN B 187 -31.43 -5.38 -17.95
C ASN B 187 -29.94 -5.45 -18.31
N ALA B 188 -29.21 -6.49 -17.87
CA ALA B 188 -27.89 -6.87 -18.43
C ALA B 188 -28.15 -7.69 -19.71
N SER B 189 -27.60 -7.24 -20.84
CA SER B 189 -27.84 -7.81 -22.18
C SER B 189 -26.67 -7.49 -23.10
N GLU B 190 -26.69 -8.08 -24.31
CA GLU B 190 -25.65 -7.88 -25.36
C GLU B 190 -25.59 -6.40 -25.78
N THR B 191 -26.65 -5.61 -25.55
CA THR B 191 -26.70 -4.17 -25.89
C THR B 191 -26.59 -3.28 -24.63
N SER B 192 -26.56 -3.88 -23.43
CA SER B 192 -26.35 -3.17 -22.14
C SER B 192 -25.49 -4.03 -21.23
N PRO B 193 -24.19 -4.22 -21.57
CA PRO B 193 -23.31 -5.06 -20.76
C PRO B 193 -22.97 -4.40 -19.42
N VAL B 194 -22.64 -5.21 -18.42
CA VAL B 194 -22.43 -4.77 -17.01
C VAL B 194 -21.05 -5.22 -16.55
N PRO B 195 -20.49 -4.57 -15.50
CA PRO B 195 -19.26 -5.05 -14.88
C PRO B 195 -19.49 -6.41 -14.23
N CYS B 196 -18.41 -7.15 -13.99
CA CYS B 196 -18.43 -8.49 -13.36
C CYS B 196 -17.42 -8.53 -12.21
N VAL B 197 -17.87 -8.91 -11.03
CA VAL B 197 -16.97 -9.30 -9.91
C VAL B 197 -16.78 -10.81 -9.98
N LEU B 198 -15.56 -11.24 -10.28
CA LEU B 198 -15.12 -12.66 -10.21
C LEU B 198 -14.68 -12.93 -8.77
N ILE B 199 -15.51 -13.62 -8.00
CA ILE B 199 -15.19 -14.00 -6.59
C ILE B 199 -14.40 -15.31 -6.62
N ILE B 200 -13.22 -15.29 -6.00
CA ILE B 200 -12.34 -16.47 -5.85
C ILE B 200 -12.39 -16.91 -4.39
N THR B 201 -12.89 -18.13 -4.15
CA THR B 201 -13.26 -18.64 -2.82
C THR B 201 -12.00 -19.13 -2.10
N GLY B 202 -12.14 -19.75 -0.93
CA GLY B 202 -11.01 -20.01 -0.03
C GLY B 202 -10.78 -21.49 0.21
N LEU B 203 -10.13 -21.78 1.35
CA LEU B 203 -9.70 -23.15 1.74
C LEU B 203 -10.91 -23.98 2.14
N ASP B 204 -11.94 -23.34 2.74
CA ASP B 204 -13.10 -24.06 3.36
C ASP B 204 -14.41 -23.58 2.73
N GLY B 205 -14.57 -22.27 2.53
CA GLY B 205 -15.75 -21.66 1.89
C GLY B 205 -15.62 -21.69 0.38
N TYR B 206 -16.57 -22.33 -0.31
CA TYR B 206 -16.55 -22.57 -1.78
C TYR B 206 -17.65 -21.74 -2.41
N ARG B 207 -18.06 -22.04 -3.64
CA ARG B 207 -19.00 -21.17 -4.41
C ARG B 207 -20.38 -21.20 -3.75
N THR B 208 -20.74 -22.29 -3.05
CA THR B 208 -22.03 -22.43 -2.31
C THR B 208 -22.03 -21.50 -1.07
N GLU B 209 -20.85 -21.02 -0.63
CA GLU B 209 -20.71 -20.10 0.53
C GLU B 209 -20.67 -18.65 0.05
N LEU B 210 -19.72 -18.31 -0.82
CA LEU B 210 -19.51 -16.91 -1.27
C LEU B 210 -20.68 -16.45 -2.15
N ALA B 211 -21.56 -17.36 -2.57
CA ALA B 211 -22.88 -17.10 -3.19
C ALA B 211 -23.61 -15.96 -2.46
N VAL B 212 -23.40 -15.82 -1.15
CA VAL B 212 -24.11 -14.86 -0.27
C VAL B 212 -23.89 -13.41 -0.77
N TRP B 213 -22.81 -13.16 -1.52
CA TRP B 213 -22.45 -11.81 -2.05
C TRP B 213 -23.21 -11.49 -3.34
N GLN B 214 -23.77 -12.48 -4.03
CA GLN B 214 -24.20 -12.33 -5.45
C GLN B 214 -25.42 -11.42 -5.57
N GLN B 215 -26.42 -11.57 -4.69
CA GLN B 215 -27.67 -10.75 -4.75
C GLN B 215 -27.34 -9.28 -4.51
N GLY B 216 -26.40 -8.99 -3.60
CA GLY B 216 -25.90 -7.63 -3.32
C GLY B 216 -25.34 -6.96 -4.56
N TRP B 217 -24.44 -7.65 -5.27
CA TRP B 217 -23.83 -7.13 -6.52
C TRP B 217 -24.91 -6.96 -7.58
N ARG B 218 -25.79 -7.95 -7.72
CA ARG B 218 -26.95 -7.91 -8.65
C ARG B 218 -27.73 -6.61 -8.43
N SER B 219 -28.03 -6.26 -7.17
CA SER B 219 -28.82 -5.05 -6.79
C SER B 219 -28.10 -3.77 -7.22
N LYS B 220 -26.78 -3.82 -7.40
CA LYS B 220 -25.93 -2.67 -7.82
C LYS B 220 -25.68 -2.68 -9.34
N GLY B 221 -26.30 -3.61 -10.08
CA GLY B 221 -26.17 -3.73 -11.54
C GLY B 221 -24.86 -4.37 -11.95
N VAL B 222 -24.36 -5.31 -11.14
CA VAL B 222 -23.04 -5.97 -11.29
C VAL B 222 -23.25 -7.49 -11.37
N ALA B 223 -22.74 -8.13 -12.42
CA ALA B 223 -22.72 -9.60 -12.59
C ALA B 223 -21.73 -10.20 -11.60
N THR B 224 -21.92 -11.48 -11.25
CA THR B 224 -20.96 -12.25 -10.42
C THR B 224 -20.69 -13.61 -11.07
N VAL B 225 -19.43 -14.03 -11.00
CA VAL B 225 -18.95 -15.41 -11.29
C VAL B 225 -18.18 -15.86 -10.06
N ILE B 226 -18.45 -17.05 -9.53
CA ILE B 226 -17.73 -17.57 -8.34
C ILE B 226 -17.03 -18.89 -8.71
N ALA B 227 -15.71 -18.94 -8.51
CA ALA B 227 -14.85 -20.08 -8.87
C ALA B 227 -14.01 -20.48 -7.66
N GLU B 228 -13.77 -21.78 -7.49
CA GLU B 228 -12.94 -22.34 -6.39
C GLU B 228 -11.47 -22.36 -6.82
N ILE B 229 -10.57 -22.27 -5.84
CA ILE B 229 -9.10 -22.36 -6.05
C ILE B 229 -8.72 -23.83 -6.24
N PRO B 230 -7.57 -24.11 -6.88
CA PRO B 230 -7.09 -25.48 -7.02
C PRO B 230 -7.17 -26.28 -5.71
N GLY B 231 -7.53 -27.56 -5.82
CA GLY B 231 -7.57 -28.50 -4.69
C GLY B 231 -8.70 -28.23 -3.72
N THR B 232 -9.74 -27.51 -4.16
CA THR B 232 -10.97 -27.28 -3.36
C THR B 232 -12.20 -27.42 -4.28
N GLY B 233 -13.37 -27.63 -3.66
CA GLY B 233 -14.66 -27.74 -4.37
C GLY B 233 -14.55 -28.60 -5.61
N ASP B 234 -14.86 -28.04 -6.78
CA ASP B 234 -14.86 -28.75 -8.09
C ASP B 234 -13.79 -28.17 -9.03
N SER B 235 -12.73 -27.56 -8.49
CA SER B 235 -11.59 -27.06 -9.30
C SER B 235 -10.97 -28.24 -10.07
N PRO B 236 -10.82 -28.12 -11.41
CA PRO B 236 -10.18 -29.18 -12.20
C PRO B 236 -8.65 -29.14 -12.16
N ALA B 237 -8.06 -28.16 -11.48
CA ALA B 237 -6.63 -27.81 -11.53
C ALA B 237 -5.78 -28.86 -10.79
N LEU B 238 -4.59 -29.18 -11.32
CA LEU B 238 -3.57 -30.01 -10.64
C LEU B 238 -3.19 -29.33 -9.31
N ARG B 239 -3.26 -30.07 -8.21
CA ARG B 239 -3.03 -29.52 -6.84
C ARG B 239 -1.57 -29.06 -6.69
N GLN B 240 -0.61 -29.88 -7.13
CA GLN B 240 0.84 -29.70 -6.82
C GLN B 240 1.52 -28.75 -7.83
N ASP B 241 0.83 -28.39 -8.91
CA ASP B 241 1.41 -27.59 -10.04
C ASP B 241 1.13 -26.11 -9.80
N PRO B 242 2.15 -25.27 -9.52
CA PRO B 242 1.94 -23.85 -9.25
C PRO B 242 1.30 -23.09 -10.43
N THR B 243 1.43 -23.61 -11.66
CA THR B 243 0.92 -22.95 -12.90
C THR B 243 -0.52 -23.38 -13.21
N SER B 244 -1.08 -24.34 -12.45
CA SER B 244 -2.46 -24.86 -12.66
C SER B 244 -3.50 -23.75 -12.51
N PRO B 245 -3.43 -22.82 -11.54
CA PRO B 245 -4.40 -21.73 -11.46
C PRO B 245 -4.40 -20.86 -12.74
N ASP B 246 -3.23 -20.70 -13.35
CA ASP B 246 -3.04 -19.84 -14.57
C ASP B 246 -3.92 -20.39 -15.70
N ARG B 247 -3.86 -21.71 -15.94
CA ARG B 247 -4.68 -22.41 -16.96
C ARG B 247 -6.17 -22.26 -16.60
N GLN B 248 -6.52 -22.41 -15.32
CA GLN B 248 -7.92 -22.31 -14.84
C GLN B 248 -8.48 -20.93 -15.20
N TRP B 249 -7.77 -19.85 -14.87
CA TRP B 249 -8.25 -18.45 -15.09
C TRP B 249 -8.28 -18.15 -16.60
N SER B 250 -7.38 -18.70 -17.40
CA SER B 250 -7.43 -18.60 -18.88
C SER B 250 -8.77 -19.15 -19.37
N SER B 251 -9.20 -20.31 -18.88
CA SER B 251 -10.50 -20.93 -19.25
C SER B 251 -11.66 -20.07 -18.75
N VAL B 252 -11.59 -19.59 -17.50
CA VAL B 252 -12.69 -18.78 -16.87
C VAL B 252 -12.85 -17.46 -17.64
N LEU B 253 -11.75 -16.76 -17.90
CA LEU B 253 -11.78 -15.42 -18.54
C LEU B 253 -12.21 -15.56 -20.01
N ASP B 254 -11.78 -16.64 -20.70
CA ASP B 254 -12.26 -16.98 -22.07
C ASP B 254 -13.79 -17.04 -22.06
N TRP B 255 -14.37 -17.74 -21.08
CA TRP B 255 -15.85 -17.89 -20.95
C TRP B 255 -16.50 -16.52 -20.67
N ILE B 256 -16.00 -15.76 -19.69
CA ILE B 256 -16.60 -14.44 -19.32
C ILE B 256 -16.57 -13.54 -20.56
N GLU B 257 -15.45 -13.52 -21.29
CA GLU B 257 -15.25 -12.69 -22.52
C GLU B 257 -16.27 -13.08 -23.60
N SER B 258 -16.78 -14.31 -23.60
CA SER B 258 -17.78 -14.82 -24.57
C SER B 258 -19.22 -14.43 -24.15
N GLN B 259 -19.42 -13.99 -22.90
CA GLN B 259 -20.75 -13.55 -22.39
C GLN B 259 -20.94 -12.07 -22.74
N LYS B 260 -21.77 -11.78 -23.75
CA LYS B 260 -21.95 -10.43 -24.34
C LYS B 260 -22.54 -9.47 -23.29
N ALA B 261 -23.28 -9.98 -22.30
CA ALA B 261 -23.92 -9.17 -21.24
C ALA B 261 -22.87 -8.69 -20.22
N VAL B 262 -21.65 -9.22 -20.25
CA VAL B 262 -20.53 -8.79 -19.37
C VAL B 262 -19.58 -7.90 -20.18
N ASP B 263 -19.28 -6.71 -19.64
CA ASP B 263 -18.23 -5.81 -20.15
C ASP B 263 -16.87 -6.39 -19.73
N SER B 264 -16.16 -6.99 -20.68
CA SER B 264 -14.85 -7.68 -20.47
C SER B 264 -13.77 -6.68 -20.02
N LYS B 265 -14.03 -5.38 -20.16
CA LYS B 265 -13.09 -4.31 -19.73
C LYS B 265 -13.31 -3.95 -18.26
N LYS B 266 -14.33 -4.52 -17.60
CA LYS B 266 -14.70 -4.17 -16.22
C LYS B 266 -14.89 -5.45 -15.39
N ILE B 267 -13.90 -6.33 -15.44
CA ILE B 267 -13.81 -7.56 -14.60
C ILE B 267 -12.91 -7.25 -13.40
N VAL B 268 -13.47 -7.33 -12.20
CA VAL B 268 -12.74 -7.17 -10.91
C VAL B 268 -12.72 -8.54 -10.21
N ALA B 269 -11.52 -9.08 -9.97
CA ALA B 269 -11.30 -10.36 -9.26
C ALA B 269 -11.11 -10.08 -7.76
N TRP B 270 -12.00 -10.61 -6.91
CA TRP B 270 -11.92 -10.46 -5.44
C TRP B 270 -11.70 -11.84 -4.81
N GLY B 271 -10.48 -12.11 -4.36
CA GLY B 271 -10.09 -13.34 -3.64
C GLY B 271 -10.29 -13.20 -2.14
N PHE B 272 -11.07 -14.11 -1.56
CA PHE B 272 -11.37 -14.18 -0.10
C PHE B 272 -10.45 -15.21 0.52
N THR B 274 -7.52 -17.58 1.45
CA THR B 274 -6.56 -18.24 0.58
C THR B 274 -6.77 -17.82 -0.88
N GLY B 275 -8.01 -17.47 -1.25
CA GLY B 275 -8.37 -16.94 -2.59
C GLY B 275 -7.56 -15.70 -2.95
N GLY B 276 -7.15 -14.92 -1.95
CA GLY B 276 -6.36 -13.69 -2.11
C GLY B 276 -5.01 -13.94 -2.77
N TYR B 277 -4.37 -15.08 -2.47
CA TYR B 277 -3.12 -15.52 -3.14
C TYR B 277 -3.34 -15.57 -4.66
N TYR B 278 -4.47 -16.15 -5.07
CA TYR B 278 -4.82 -16.38 -6.50
C TYR B 278 -5.21 -15.06 -7.16
N ALA B 279 -5.92 -14.19 -6.45
CA ALA B 279 -6.27 -12.83 -6.92
C ALA B 279 -4.99 -12.03 -7.18
N LEU B 280 -4.01 -12.10 -6.26
CA LEU B 280 -2.72 -11.37 -6.40
C LEU B 280 -1.95 -11.95 -7.57
N ARG B 281 -1.89 -13.28 -7.67
CA ARG B 281 -1.15 -13.99 -8.74
C ARG B 281 -1.71 -13.59 -10.11
N MET B 282 -3.03 -13.62 -10.29
CA MET B 282 -3.66 -13.42 -11.62
C MET B 282 -3.63 -11.94 -12.04
N ALA B 283 -3.40 -11.01 -11.10
CA ALA B 283 -3.15 -9.58 -11.39
C ALA B 283 -1.92 -9.43 -12.29
N HIS B 284 -1.00 -10.41 -12.22
CA HIS B 284 0.25 -10.49 -13.02
C HIS B 284 0.02 -11.36 -14.26
N THR B 285 -0.44 -12.60 -14.06
CA THR B 285 -0.54 -13.63 -15.13
C THR B 285 -1.62 -13.25 -16.15
N HIS B 286 -2.67 -12.53 -15.72
CA HIS B 286 -3.82 -12.13 -16.57
C HIS B 286 -4.05 -10.61 -16.51
N LYS B 287 -2.96 -9.84 -16.35
CA LYS B 287 -2.96 -8.35 -16.21
C LYS B 287 -3.91 -7.70 -17.22
N ASP B 288 -3.76 -8.02 -18.51
CA ASP B 288 -4.42 -7.30 -19.63
C ASP B 288 -5.90 -7.71 -19.73
N ARG B 289 -6.37 -8.63 -18.89
CA ARG B 289 -7.77 -9.14 -18.97
C ARG B 289 -8.58 -8.73 -17.73
N LEU B 290 -7.97 -8.00 -16.79
CA LEU B 290 -8.58 -7.68 -15.47
C LEU B 290 -8.44 -6.18 -15.19
N LEU B 291 -9.55 -5.52 -14.83
CA LEU B 291 -9.56 -4.10 -14.42
C LEU B 291 -8.81 -3.95 -13.08
N ALA B 292 -9.04 -4.90 -12.17
CA ALA B 292 -8.45 -4.88 -10.81
C ALA B 292 -8.55 -6.27 -10.19
N THR B 293 -7.67 -6.56 -9.23
CA THR B 293 -7.81 -7.72 -8.31
C THR B 293 -7.70 -7.20 -6.87
N ILE B 294 -8.36 -7.92 -5.97
CA ILE B 294 -8.38 -7.63 -4.51
C ILE B 294 -8.00 -8.93 -3.79
N SER B 295 -6.98 -8.84 -2.93
CA SER B 295 -6.59 -9.91 -1.97
C SER B 295 -7.08 -9.50 -0.57
N LEU B 296 -8.09 -10.22 -0.05
CA LEU B 296 -8.58 -10.02 1.34
C LEU B 296 -8.12 -11.20 2.19
N GLY B 297 -7.15 -10.98 3.09
CA GLY B 297 -6.58 -12.01 3.96
C GLY B 297 -5.80 -13.05 3.17
N GLY B 298 -5.18 -12.64 2.07
CA GLY B 298 -4.34 -13.52 1.23
C GLY B 298 -2.91 -13.55 1.71
N GLY B 299 -2.11 -14.49 1.19
CA GLY B 299 -0.65 -14.54 1.37
C GLY B 299 0.04 -14.58 0.03
N ALA B 300 1.37 -14.78 0.02
CA ALA B 300 2.22 -14.64 -1.18
C ALA B 300 3.52 -15.43 -1.08
N HIS B 301 4.09 -15.61 0.12
CA HIS B 301 5.48 -16.08 0.30
C HIS B 301 5.67 -16.75 1.67
N HIS B 302 5.59 -15.99 2.76
CA HIS B 302 5.84 -16.47 4.15
C HIS B 302 4.73 -17.43 4.60
N MET B 303 3.58 -17.44 3.92
CA MET B 303 2.51 -18.43 4.17
C MET B 303 3.01 -19.85 3.88
N PHE B 304 4.11 -19.99 3.12
CA PHE B 304 4.70 -21.28 2.71
C PHE B 304 5.93 -21.61 3.57
N ASP B 305 6.26 -20.76 4.55
CA ASP B 305 7.41 -20.95 5.48
C ASP B 305 7.14 -22.16 6.38
N ARG B 306 8.18 -22.94 6.67
CA ARG B 306 8.17 -24.01 7.71
C ARG B 306 7.71 -23.41 9.05
N GLU B 307 8.29 -22.29 9.47
CA GLU B 307 8.05 -21.70 10.82
C GLU B 307 6.58 -21.33 10.94
N TRP B 308 6.03 -20.64 9.95
CA TRP B 308 4.60 -20.22 9.93
C TRP B 308 3.70 -21.46 10.00
N LEU B 309 3.90 -22.40 9.07
CA LEU B 309 3.02 -23.59 8.88
C LEU B 309 3.06 -24.50 10.11
N GLU B 310 4.22 -24.61 10.78
CA GLU B 310 4.41 -25.48 11.98
C GLU B 310 3.69 -24.90 13.21
N HIS B 311 3.29 -23.63 13.19
CA HIS B 311 2.60 -22.95 14.33
C HIS B 311 1.11 -22.74 14.03
N ALA B 312 0.71 -22.61 12.77
CA ALA B 312 -0.61 -22.10 12.36
C ALA B 312 -1.74 -23.11 12.64
N ASN B 313 -1.41 -24.40 12.86
CA ASN B 313 -2.42 -25.46 13.18
C ASN B 313 -3.11 -25.17 14.51
N LYS B 314 -2.48 -24.41 15.41
CA LYS B 314 -2.93 -24.20 16.81
C LYS B 314 -3.55 -22.80 17.00
N LEU B 315 -3.63 -21.97 15.95
CA LEU B 315 -4.01 -20.55 16.10
C LEU B 315 -5.48 -20.36 15.68
N GLU B 316 -5.83 -19.20 15.10
CA GLU B 316 -7.24 -18.72 15.09
C GLU B 316 -8.12 -19.60 14.19
N TYR B 317 -7.57 -20.26 13.17
CA TYR B 317 -8.34 -21.14 12.24
C TYR B 317 -9.08 -22.18 13.08
N PRO B 318 -10.37 -22.48 12.78
CA PRO B 318 -11.16 -23.36 13.65
C PRO B 318 -10.61 -24.79 13.77
N PHE B 319 -9.97 -25.30 12.71
CA PHE B 319 -9.40 -26.67 12.64
C PHE B 319 -7.89 -26.57 12.39
N ASP B 320 -7.32 -27.51 11.63
CA ASP B 320 -5.86 -27.64 11.37
C ASP B 320 -5.53 -26.99 10.03
N LEU B 321 -5.29 -25.67 10.03
CA LEU B 321 -5.06 -24.86 8.80
C LEU B 321 -3.98 -25.49 7.92
N SER B 322 -2.79 -25.71 8.50
CA SER B 322 -1.55 -26.10 7.78
C SER B 322 -1.72 -27.47 7.12
N ASN B 323 -2.34 -28.42 7.83
CA ASN B 323 -2.66 -29.77 7.30
C ASN B 323 -3.70 -29.64 6.18
N THR B 324 -4.72 -28.79 6.38
CA THR B 324 -5.80 -28.54 5.40
C THR B 324 -5.18 -27.92 4.14
N LEU B 325 -4.30 -26.92 4.33
CA LEU B 325 -3.54 -26.27 3.23
C LEU B 325 -2.74 -27.34 2.47
N ALA B 326 -2.02 -28.21 3.19
CA ALA B 326 -1.15 -29.27 2.62
C ALA B 326 -1.97 -30.20 1.72
N TYR B 327 -3.16 -30.61 2.19
CA TYR B 327 -4.10 -31.49 1.46
C TYR B 327 -4.61 -30.81 0.19
N LYS B 328 -4.91 -29.51 0.27
CA LYS B 328 -5.41 -28.68 -0.86
C LYS B 328 -4.31 -28.59 -1.94
N PHE B 329 -3.03 -28.58 -1.53
CA PHE B 329 -1.86 -28.53 -2.45
C PHE B 329 -1.42 -29.95 -2.86
N GLY B 330 -2.17 -30.97 -2.45
CA GLY B 330 -2.04 -32.36 -2.97
C GLY B 330 -0.94 -33.14 -2.28
N TYR B 331 -0.66 -32.83 -1.01
CA TYR B 331 0.41 -33.51 -0.21
C TYR B 331 -0.24 -34.36 0.88
N PRO B 332 0.29 -35.57 1.13
CA PRO B 332 -0.32 -36.51 2.07
C PRO B 332 -0.18 -36.16 3.56
N ASP B 333 0.68 -35.20 3.90
CA ASP B 333 0.96 -34.76 5.29
C ASP B 333 1.60 -33.37 5.24
N LEU B 334 1.79 -32.73 6.40
CA LEU B 334 2.34 -31.35 6.51
C LEU B 334 3.82 -31.33 6.10
N GLU B 335 4.61 -32.33 6.52
CA GLU B 335 6.08 -32.35 6.27
C GLU B 335 6.34 -32.39 4.76
N SER B 336 5.65 -33.25 4.01
CA SER B 336 5.83 -33.40 2.55
C SER B 336 5.53 -32.07 1.86
N PHE B 337 4.48 -31.36 2.30
CA PHE B 337 4.10 -30.02 1.79
C PHE B 337 5.23 -29.02 2.07
N ILE B 338 5.72 -28.96 3.32
CA ILE B 338 6.74 -27.96 3.76
C ILE B 338 8.02 -28.17 2.93
N GLU B 339 8.36 -29.41 2.59
CA GLU B 339 9.58 -29.76 1.81
C GLU B 339 9.54 -29.06 0.43
N GLU B 340 8.36 -28.87 -0.15
CA GLU B 340 8.20 -28.38 -1.55
C GLU B 340 7.49 -27.02 -1.61
N SER B 341 6.94 -26.52 -0.49
CA SER B 341 5.98 -25.39 -0.44
C SER B 341 6.57 -24.11 -1.06
N SER B 342 7.90 -23.96 -1.05
CA SER B 342 8.62 -22.74 -1.52
C SER B 342 8.31 -22.46 -2.99
N LYS B 343 7.97 -23.49 -3.78
CA LYS B 343 7.72 -23.36 -5.24
C LYS B 343 6.40 -22.61 -5.50
N PHE B 344 5.53 -22.46 -4.49
CA PHE B 344 4.22 -21.75 -4.63
C PHE B 344 4.40 -20.25 -4.36
N SER B 345 5.53 -19.83 -3.79
CA SER B 345 5.80 -18.40 -3.48
C SER B 345 5.76 -17.56 -4.75
N LEU B 346 5.00 -16.46 -4.72
CA LEU B 346 4.92 -15.50 -5.85
C LEU B 346 6.23 -14.71 -5.92
N LEU B 347 7.03 -14.70 -4.85
CA LEU B 347 8.41 -14.12 -4.87
C LEU B 347 9.35 -15.11 -5.55
N ASN B 348 9.43 -16.35 -5.04
CA ASN B 348 10.39 -17.38 -5.52
C ASN B 348 10.15 -17.69 -7.00
N ASP B 349 8.89 -17.73 -7.45
CA ASP B 349 8.53 -18.19 -8.82
C ASP B 349 8.57 -17.01 -9.79
N GLY B 350 8.83 -15.80 -9.30
CA GLY B 350 9.09 -14.62 -10.13
C GLY B 350 7.83 -13.84 -10.49
N THR B 351 6.66 -14.29 -10.04
CA THR B 351 5.36 -13.62 -10.34
C THR B 351 5.43 -12.13 -9.99
N LEU B 352 5.87 -11.80 -8.77
CA LEU B 352 5.80 -10.43 -8.21
C LEU B 352 6.75 -9.47 -8.95
N GLN B 353 7.69 -9.98 -9.77
CA GLN B 353 8.61 -9.13 -10.59
C GLN B 353 7.87 -8.62 -11.83
N LYS B 354 6.77 -9.25 -12.22
CA LYS B 354 6.00 -8.91 -13.46
C LYS B 354 5.14 -7.68 -13.20
N PRO B 355 4.76 -6.94 -14.27
CA PRO B 355 3.77 -5.87 -14.13
C PRO B 355 2.44 -6.46 -13.67
N CYS B 356 1.63 -5.66 -12.97
CA CYS B 356 0.28 -6.08 -12.50
C CYS B 356 -0.75 -5.04 -12.93
N THR B 357 -2.01 -5.48 -13.05
CA THR B 357 -3.19 -4.57 -13.13
C THR B 357 -3.34 -3.92 -11.75
N LYS B 358 -4.37 -3.07 -11.57
CA LYS B 358 -4.69 -2.46 -10.25
C LYS B 358 -4.83 -3.58 -9.22
N VAL B 359 -4.10 -3.48 -8.11
CA VAL B 359 -4.19 -4.45 -6.97
C VAL B 359 -4.53 -3.68 -5.70
N LEU B 360 -5.49 -4.19 -4.93
CA LEU B 360 -5.82 -3.74 -3.55
C LEU B 360 -5.53 -4.90 -2.60
N LEU B 361 -4.64 -4.69 -1.64
CA LEU B 361 -4.33 -5.65 -0.56
C LEU B 361 -4.98 -5.15 0.74
N VAL B 362 -5.81 -5.97 1.39
CA VAL B 362 -6.44 -5.64 2.70
C VAL B 362 -6.28 -6.85 3.62
N ASN B 363 -5.87 -6.61 4.86
CA ASN B 363 -5.79 -7.68 5.90
C ASN B 363 -5.65 -7.05 7.29
N GLY B 364 -6.05 -7.80 8.31
CA GLY B 364 -5.73 -7.50 9.72
C GLY B 364 -4.26 -7.79 9.99
N ASN B 365 -3.59 -6.88 10.69
CA ASN B 365 -2.15 -6.97 11.04
C ASN B 365 -1.86 -8.26 11.83
N ASP B 366 -2.81 -8.70 12.66
CA ASP B 366 -2.62 -9.78 13.65
C ASP B 366 -3.10 -11.13 13.09
N ASP B 367 -3.27 -11.22 11.77
CA ASP B 367 -3.69 -12.47 11.06
C ASP B 367 -2.78 -13.62 11.51
N GLU B 368 -3.39 -14.73 11.95
CA GLU B 368 -2.69 -15.96 12.41
C GLU B 368 -2.95 -17.11 11.44
N ILE B 369 -3.54 -16.81 10.27
CA ILE B 369 -3.80 -17.79 9.17
C ILE B 369 -2.78 -17.55 8.06
N PHE B 370 -2.66 -16.32 7.56
CA PHE B 370 -1.55 -15.89 6.67
C PHE B 370 -0.94 -14.62 7.24
N PRO B 371 0.41 -14.47 7.21
CA PRO B 371 1.07 -13.36 7.89
C PRO B 371 0.89 -12.03 7.13
N ILE B 372 0.69 -10.95 7.88
CA ILE B 372 0.67 -9.56 7.32
C ILE B 372 2.03 -9.29 6.64
N ASP B 373 3.07 -10.01 7.06
CA ASP B 373 4.44 -9.97 6.45
C ASP B 373 4.35 -10.17 4.93
N ASP B 374 3.36 -10.92 4.44
CA ASP B 374 3.15 -11.18 2.99
C ASP B 374 2.56 -9.95 2.30
N MET B 375 1.79 -9.12 3.00
CA MET B 375 1.41 -7.80 2.43
C MET B 375 2.71 -7.01 2.18
N PHE B 376 3.66 -7.06 3.11
CA PHE B 376 4.96 -6.35 2.99
C PHE B 376 5.72 -6.90 1.78
N VAL B 377 5.83 -8.22 1.65
CA VAL B 377 6.54 -8.86 0.49
C VAL B 377 5.87 -8.39 -0.80
N SER B 378 4.54 -8.40 -0.85
CA SER B 378 3.71 -7.93 -1.99
C SER B 378 4.04 -6.47 -2.34
N LEU B 379 4.27 -5.61 -1.33
CA LEU B 379 4.57 -4.17 -1.52
C LEU B 379 6.06 -3.93 -1.78
N GLU B 380 6.91 -4.96 -1.64
CA GLU B 380 8.39 -4.82 -1.77
C GLU B 380 8.84 -5.17 -3.19
N ASN B 381 7.92 -5.60 -4.07
CA ASN B 381 8.28 -6.13 -5.42
C ASN B 381 7.35 -5.57 -6.48
N GLY B 382 7.93 -5.26 -7.65
CA GLY B 382 7.21 -4.82 -8.86
C GLY B 382 6.58 -3.45 -8.67
N GLN B 383 5.37 -3.28 -9.20
CA GLN B 383 4.71 -1.95 -9.26
C GLN B 383 4.03 -1.66 -7.93
N PRO B 384 3.78 -0.37 -7.63
CA PRO B 384 3.02 0.00 -6.43
C PRO B 384 1.64 -0.66 -6.43
N LYS B 385 1.14 -0.98 -5.23
CA LYS B 385 -0.17 -1.61 -5.03
C LYS B 385 -0.92 -0.83 -3.94
N LEU B 386 -2.24 -0.73 -4.06
CA LEU B 386 -3.11 -0.14 -3.02
C LEU B 386 -3.13 -1.09 -1.83
N ALA B 387 -3.08 -0.54 -0.62
CA ALA B 387 -3.11 -1.34 0.63
C ALA B 387 -3.92 -0.61 1.69
N ARG B 388 -4.70 -1.37 2.46
CA ARG B 388 -5.26 -0.96 3.77
C ARG B 388 -4.91 -2.08 4.76
N MET B 389 -4.08 -1.75 5.75
CA MET B 389 -3.81 -2.58 6.95
C MET B 389 -4.89 -2.27 7.99
N VAL B 390 -5.36 -3.28 8.70
CA VAL B 390 -6.35 -3.11 9.80
C VAL B 390 -5.67 -3.51 11.11
N LYS B 391 -5.20 -2.51 11.86
CA LYS B 391 -4.46 -2.68 13.13
C LYS B 391 -5.40 -3.33 14.16
N GLY B 392 -4.87 -4.26 14.95
CA GLY B 392 -5.55 -4.87 16.11
C GLY B 392 -6.64 -5.87 15.72
N LYS B 393 -6.75 -6.24 14.44
CA LYS B 393 -7.70 -7.27 13.96
C LYS B 393 -6.92 -8.44 13.35
N LYS B 394 -7.49 -9.64 13.39
CA LYS B 394 -6.85 -10.89 12.89
C LYS B 394 -7.33 -11.13 11.46
N HIS B 395 -7.28 -12.38 10.99
CA HIS B 395 -7.54 -12.77 9.57
C HIS B 395 -8.71 -11.98 8.98
N MET B 396 -8.47 -11.29 7.87
CA MET B 396 -9.47 -10.58 7.01
C MET B 396 -9.80 -9.18 7.56
N GLY B 397 -9.36 -8.83 8.78
CA GLY B 397 -9.57 -7.51 9.40
C GLY B 397 -11.02 -7.04 9.28
N GLU B 398 -11.99 -7.91 9.57
CA GLU B 398 -13.44 -7.60 9.51
C GLU B 398 -13.85 -6.85 10.76
N PRO B 399 -14.95 -6.06 10.74
CA PRO B 399 -15.75 -5.81 9.55
C PRO B 399 -15.26 -4.69 8.62
N GLU B 400 -14.24 -3.93 9.06
CA GLU B 400 -13.74 -2.72 8.36
C GLU B 400 -13.36 -3.04 6.92
N SER B 401 -12.71 -4.20 6.71
CA SER B 401 -12.20 -4.67 5.39
C SER B 401 -13.30 -4.67 4.33
N PHE B 402 -14.51 -5.10 4.66
CA PHE B 402 -15.65 -5.21 3.70
C PHE B 402 -16.04 -3.81 3.21
N SER B 403 -16.15 -2.84 4.12
CA SER B 403 -16.48 -1.42 3.80
C SER B 403 -15.39 -0.79 2.93
N ILE B 404 -14.12 -1.03 3.27
CA ILE B 404 -12.94 -0.51 2.51
C ILE B 404 -13.03 -1.01 1.07
N ILE B 405 -13.22 -2.32 0.89
CA ILE B 405 -13.20 -2.99 -0.45
C ILE B 405 -14.43 -2.54 -1.26
N LEU B 406 -15.64 -2.56 -0.66
CA LEU B 406 -16.88 -2.15 -1.36
C LEU B 406 -16.76 -0.68 -1.78
N GLU B 407 -16.30 0.21 -0.90
CA GLU B 407 -16.11 1.66 -1.19
C GLU B 407 -15.23 1.78 -2.45
N TRP B 408 -14.14 1.01 -2.51
CA TRP B 408 -13.15 1.09 -3.62
C TRP B 408 -13.78 0.57 -4.92
N ILE B 409 -14.48 -0.57 -4.87
CA ILE B 409 -15.10 -1.18 -6.09
C ILE B 409 -16.19 -0.25 -6.62
N HIS B 410 -17.01 0.32 -5.74
CA HIS B 410 -18.07 1.30 -6.11
C HIS B 410 -17.44 2.48 -6.85
N LYS B 411 -16.31 3.00 -6.34
CA LYS B 411 -15.55 4.11 -6.97
C LYS B 411 -15.04 3.65 -8.34
N LEU B 412 -14.46 2.46 -8.40
CA LEU B 412 -13.81 1.88 -9.60
C LEU B 412 -14.84 1.69 -10.73
N LEU B 413 -16.05 1.22 -10.40
CA LEU B 413 -17.09 0.83 -11.40
C LEU B 413 -18.20 1.89 -11.50
N GLY B 414 -18.09 3.01 -10.76
CA GLY B 414 -19.08 4.11 -10.77
C GLY B 414 -20.46 3.64 -10.35
N LEU B 415 -20.54 2.89 -9.24
CA LEU B 415 -21.81 2.37 -8.67
C LEU B 415 -22.42 3.42 -7.74
N ASP B 416 -23.55 3.10 -7.09
CA ASP B 416 -24.39 4.09 -6.36
C ASP B 416 -23.72 4.51 -5.04
N GLY B 417 -22.71 3.76 -4.58
CA GLY B 417 -21.93 4.06 -3.36
C GLY B 417 -22.70 3.75 -2.07
N LYS B 418 -23.86 3.11 -2.18
CA LYS B 418 -24.71 2.75 -1.00
C LYS B 418 -24.26 1.38 -0.49
N ILE B 419 -23.07 1.34 0.12
CA ILE B 419 -22.37 0.09 0.52
C ILE B 419 -23.00 -0.47 1.80
N LYS B 420 -23.54 0.40 2.67
CA LYS B 420 -24.20 0.00 3.95
C LYS B 420 -25.37 -0.95 3.62
N GLU B 421 -26.25 -0.54 2.71
CA GLU B 421 -27.42 -1.32 2.23
C GLU B 421 -26.95 -2.66 1.64
N GLN B 422 -25.84 -2.66 0.90
CA GLN B 422 -25.28 -3.88 0.26
C GLN B 422 -24.84 -4.86 1.35
N LEU B 423 -24.09 -4.39 2.35
CA LEU B 423 -23.59 -5.24 3.47
C LEU B 423 -24.74 -5.77 4.32
N ALA B 424 -25.84 -5.01 4.45
CA ALA B 424 -27.04 -5.37 5.24
C ALA B 424 -27.76 -6.59 4.62
N MET B 425 -27.53 -6.86 3.33
CA MET B 425 -28.17 -8.01 2.61
C MET B 425 -27.42 -9.32 2.92
N ILE B 426 -26.26 -9.26 3.57
CA ILE B 426 -25.39 -10.45 3.78
C ILE B 426 -25.95 -11.33 4.90
N PRO B 427 -26.18 -10.82 6.14
CA PRO B 427 -26.66 -11.66 7.24
C PRO B 427 -27.93 -12.43 6.86
N SER B 428 -27.95 -13.72 7.17
CA SER B 428 -29.05 -14.66 6.83
C SER B 428 -30.20 -14.49 7.83
N ARG B 429 -31.42 -14.31 7.31
CA ARG B 429 -32.67 -14.10 8.10
C ARG B 429 -33.61 -15.29 7.88
N THR B 430 -34.06 -15.92 8.99
CA THR B 430 -34.97 -17.10 9.01
C THR B 430 -36.08 -16.87 10.02
#